data_8Z27
#
_entry.id   8Z27
#
loop_
_entity.id
_entity.type
_entity.pdbx_description
1 polymer 'Spike glycoprotein'
2 polymer 'Aminopeptidase N'
3 branched beta-D-mannopyranose-(1-4)-2-acetamido-2-deoxy-beta-D-glucopyranose-(1-4)-2-acetamido-2-deoxy-beta-D-glucopyranose
4 branched 2-acetamido-2-deoxy-beta-D-glucopyranose-(1-4)-2-acetamido-2-deoxy-beta-D-glucopyranose
5 branched beta-D-mannopyranose-(1-4)-2-acetamido-2-deoxy-beta-D-glucopyranose-(1-4)-[alpha-L-fucopyranose-(1-6)]2-acetamido-2-deoxy-beta-D-glucopyranose
6 non-polymer 2-acetamido-2-deoxy-beta-D-glucopyranose
#
loop_
_entity_poly.entity_id
_entity_poly.type
_entity_poly.pdbx_seq_one_letter_code
_entity_poly.pdbx_strand_id
1 'polypeptide(L)'
;TANLNNGFYPVSSSEVGLVNKSVVLLPSFYTHTIVNITIDLGMKRSGYGQPIASTLSNITLPMQDNNTDVYCIRSDQFSV
YVHSTCKSSLWDNIFKRNCTDVLDATAVIKTGTCPFSFDKLNNYLTFNKFCLSLSPVGANCKFDVAARTRTNEQVVRSLY
VIYEEGDNIVGVPSD
;
a
2 'polypeptide(L)'
;EKNKNAESSPVSSPVSSPVSSPVSPTNPSTTAATTLAQSKPWNHYRLPKTLIPSSYNVTLRPYLTPNSNGLYTFKGSSTV
RFTCKESTSMIIIHSKKLNYTNIQGQRVALRGVGGSQAPAIDRTELVEVTEYLVVHLREPLQVNSQYEMDSKFEGELADD
LAGFYRSEYTENGVKKVLATTQMQAADARKSFPCFDEPAMKATFNITLIHPSNLVALSNMLPRGPSVPFTEEPNWNVTEF
ETTPIMSTYLLAYIVSEFKNVQENTPSNVLIRIWARPSAMDQGHGNYALRVTGPILDFFSRHYDTPYPLNKSDQIALPDF
NAGAMENWGLVTYRESALLYDPQSSSIGNKERVVTVIAHELAHQWFGNLVTLEWWNDLWLNEGFASYVEYLGADYAEPTW
NLKDLIVLNEVYRVMAVDALASSHPLSSPASEVNTPAQISEVFDSISYSKGASVLRMLSSFLTEDLFKKGVASYLHTFAY
QNTIYLDLWNHLQWALGNQTAINLPYTVNAIMDRWILQMGFPVVTVDTTTGTLSQKHFLLDPQSNVTRPSKFNYLWIIPI
SSVKSGTQQAHYWMPDNAKVQNDLFKTTGDEWVLLNLNVTGYYLVNYDQNNWKKIHTQLQTDLSVIPVINRAQVIHDTFD
LASAQIVPVTLALNSTLFLNQETEYMPWEAALSSLSYFKLMFDRSEVYGPMKNYLRKQVTPLFNHFEKITQNWTDHPQTL
TEQYNEINAVSTACTYGVPKCKDLVSTLFAEWRKNPQNNPIYPNLRSTVYCNAIAQGGEEEWNFVWEQFRNTSLVNEADK
LRSALACSTQVWILNRYLSYTLNPEFIRKQDVISTLSSIASNVIGQSLAWDFIQSNWKKLFEDYGTGSFSFSNLIQAVTR
RFSTEFELQQLEQFKANNMDTGFGSGTRALEQALEKTKANIKWVKENKEAVLQWFRENSQGGS
;
b
#
loop_
_chem_comp.id
_chem_comp.type
_chem_comp.name
_chem_comp.formula
BMA D-saccharide, beta linking beta-D-mannopyranose 'C6 H12 O6'
FUC L-saccharide, alpha linking alpha-L-fucopyranose 'C6 H12 O5'
NAG D-saccharide, beta linking 2-acetamido-2-deoxy-beta-D-glucopyranose 'C8 H15 N O6'
#
# COMPACT_ATOMS: atom_id res chain seq x y z
N PRO A 27 31.69 52.70 -14.72
CA PRO A 27 31.59 52.53 -16.18
C PRO A 27 32.90 52.09 -16.77
N SER A 28 33.99 52.69 -16.29
CA SER A 28 35.30 52.32 -16.77
C SER A 28 35.65 50.92 -16.35
N PHE A 29 36.30 50.17 -17.22
CA PHE A 29 36.75 48.85 -16.82
C PHE A 29 38.27 48.87 -16.85
N TYR A 30 38.91 48.65 -15.71
CA TYR A 30 40.36 48.57 -15.71
C TYR A 30 40.68 47.33 -16.51
N THR A 31 39.93 46.25 -16.29
CA THR A 31 40.15 45.00 -17.02
C THR A 31 38.85 44.37 -17.47
N HIS A 32 38.77 43.93 -18.72
CA HIS A 32 37.54 43.33 -19.24
C HIS A 32 37.65 41.84 -19.61
N THR A 33 38.71 41.15 -19.21
CA THR A 33 38.90 39.76 -19.62
C THR A 33 38.18 38.79 -18.70
N VAL A 35 35.16 35.41 -17.92
CA VAL A 35 34.23 34.35 -18.31
C VAL A 35 32.84 34.85 -17.94
N ASN A 36 31.86 34.60 -18.78
CA ASN A 36 30.53 35.15 -18.51
C ASN A 36 29.48 34.11 -18.19
N ILE A 37 28.71 34.34 -17.13
CA ILE A 37 27.72 33.35 -16.69
C ILE A 37 26.57 33.07 -17.64
N THR A 38 26.18 31.80 -17.73
CA THR A 38 25.07 31.42 -18.59
C THR A 38 24.01 30.81 -17.71
N ILE A 39 22.79 31.32 -17.82
CA ILE A 39 21.73 30.80 -17.00
C ILE A 39 20.94 29.79 -17.78
N ASP A 40 21.04 28.53 -17.40
CA ASP A 40 20.22 27.54 -18.05
C ASP A 40 18.86 27.83 -17.51
N LEU A 41 17.87 27.88 -18.38
CA LEU A 41 16.54 28.24 -17.94
C LEU A 41 15.66 27.03 -18.00
N GLY A 42 14.99 26.74 -16.90
CA GLY A 42 14.06 25.64 -16.91
C GLY A 42 12.66 26.22 -16.93
N MET A 43 11.89 25.88 -17.95
CA MET A 43 10.53 26.37 -18.04
C MET A 43 9.54 25.22 -18.16
N LYS A 44 8.59 25.17 -17.24
CA LYS A 44 7.57 24.13 -17.31
C LYS A 44 6.23 24.83 -17.41
N ARG A 45 5.39 24.45 -18.36
CA ARG A 45 4.12 25.14 -18.55
C ARG A 45 3.18 24.96 -17.38
N SER A 46 2.45 26.01 -17.02
CA SER A 46 1.53 25.95 -15.89
C SER A 46 0.39 24.98 -16.06
N GLY A 47 -0.13 24.87 -17.26
CA GLY A 47 -1.31 24.05 -17.47
C GLY A 47 -2.46 25.02 -17.60
N TYR A 48 -2.20 26.29 -17.34
CA TYR A 48 -3.22 27.30 -17.57
C TYR A 48 -2.72 27.93 -18.85
N GLY A 49 -1.66 27.36 -19.41
CA GLY A 49 -1.11 27.88 -20.64
C GLY A 49 -0.11 29.00 -20.46
N GLN A 50 0.21 29.34 -19.22
CA GLN A 50 1.12 30.45 -18.96
C GLN A 50 2.52 29.93 -18.75
N PRO A 51 3.48 30.48 -19.49
CA PRO A 51 4.87 30.06 -19.27
C PRO A 51 5.36 30.48 -17.90
N ILE A 52 5.96 29.55 -17.16
CA ILE A 52 6.51 29.90 -15.86
C ILE A 52 7.92 29.39 -15.64
N ALA A 53 8.74 30.18 -14.95
CA ALA A 53 10.09 29.76 -14.66
C ALA A 53 10.05 28.68 -13.60
N SER A 54 11.07 27.84 -13.56
CA SER A 54 11.04 26.73 -12.63
C SER A 54 12.26 26.66 -11.75
N THR A 55 12.13 25.97 -10.62
CA THR A 55 13.24 25.83 -9.71
C THR A 55 14.30 24.94 -10.31
N LEU A 56 15.53 25.04 -9.82
CA LEU A 56 16.67 24.25 -10.34
C LEU A 56 17.14 24.76 -11.68
N SER A 57 16.78 25.98 -12.05
CA SER A 57 17.33 26.54 -13.27
C SER A 57 18.76 26.77 -12.87
N ASN A 58 19.73 26.44 -13.73
CA ASN A 58 21.13 26.52 -13.31
C ASN A 58 21.97 27.66 -13.86
N ILE A 59 22.38 28.59 -13.00
CA ILE A 59 23.26 29.63 -13.49
C ILE A 59 24.61 28.95 -13.43
N THR A 60 25.31 28.92 -14.56
CA THR A 60 26.56 28.22 -14.56
C THR A 60 27.61 29.15 -14.01
N LEU A 61 28.31 28.70 -13.00
CA LEU A 61 29.37 29.51 -12.44
C LEU A 61 30.65 28.77 -12.71
N PRO A 62 31.59 29.43 -13.40
CA PRO A 62 32.87 28.79 -13.72
C PRO A 62 33.75 28.61 -12.51
N MET A 63 34.67 27.66 -12.57
CA MET A 63 35.52 27.43 -11.43
C MET A 63 36.46 28.59 -11.24
N GLN A 64 36.48 29.13 -10.03
CA GLN A 64 37.43 30.19 -9.76
C GLN A 64 38.44 29.47 -8.94
N ASP A 65 39.62 29.26 -9.50
CA ASP A 65 40.65 28.50 -8.80
C ASP A 65 40.03 27.18 -8.40
N ASN A 66 40.13 26.86 -7.12
CA ASN A 66 39.51 25.64 -6.60
C ASN A 66 37.99 25.56 -6.64
N ASN A 67 37.29 26.66 -6.36
CA ASN A 67 35.83 26.57 -6.24
C ASN A 67 34.92 27.01 -7.37
N THR A 68 34.10 26.08 -7.87
CA THR A 68 33.14 26.41 -8.91
C THR A 68 32.02 27.35 -8.52
N ASP A 69 31.45 27.17 -7.32
CA ASP A 69 30.28 27.96 -6.94
C ASP A 69 30.48 29.46 -6.84
N VAL A 70 31.60 29.88 -6.27
CA VAL A 70 31.80 31.30 -6.09
C VAL A 70 32.88 31.77 -7.04
N TYR A 71 32.55 32.72 -7.90
CA TYR A 71 33.60 33.27 -8.73
C TYR A 71 33.83 34.69 -8.33
N CYS A 72 35.05 34.97 -7.90
CA CYS A 72 35.38 36.34 -7.59
C CYS A 72 36.38 36.66 -8.67
N ILE A 73 36.07 37.64 -9.50
CA ILE A 73 36.95 37.89 -10.63
C ILE A 73 38.28 38.49 -10.24
N ARG A 74 39.36 37.92 -10.76
CA ARG A 74 40.68 38.49 -10.53
C ARG A 74 40.69 39.84 -11.18
N SER A 75 40.07 39.94 -12.35
CA SER A 75 39.96 41.22 -13.03
C SER A 75 39.15 42.15 -12.17
N ASP A 76 39.58 43.40 -12.11
CA ASP A 76 38.88 44.37 -11.28
C ASP A 76 37.45 44.60 -11.73
N GLN A 77 37.24 44.65 -13.04
CA GLN A 77 35.90 44.93 -13.56
C GLN A 77 35.38 43.77 -14.39
N PHE A 78 34.06 43.72 -14.58
CA PHE A 78 33.49 42.55 -15.26
C PHE A 78 32.65 42.76 -16.51
N SER A 79 32.92 41.99 -17.56
CA SER A 79 32.08 42.06 -18.76
C SER A 79 30.67 41.61 -18.41
N VAL A 80 30.53 40.54 -17.63
CA VAL A 80 29.22 40.07 -17.12
C VAL A 80 28.08 39.84 -18.14
N TYR A 81 28.40 39.24 -19.28
CA TYR A 81 27.35 38.95 -20.27
C TYR A 81 26.44 37.81 -19.83
N VAL A 82 25.17 37.88 -20.22
CA VAL A 82 24.20 36.86 -19.79
C VAL A 82 23.71 36.05 -20.98
N HIS A 83 23.78 34.73 -20.86
CA HIS A 83 23.31 33.85 -21.94
C HIS A 83 22.25 32.91 -21.39
N SER A 84 21.14 32.77 -22.10
CA SER A 84 20.06 31.92 -21.59
C SER A 84 19.79 30.73 -22.47
N THR A 85 19.76 29.54 -21.88
CA THR A 85 19.44 28.36 -22.65
C THR A 85 18.09 27.86 -22.20
N CYS A 86 17.12 27.83 -23.11
CA CYS A 86 15.77 27.44 -22.70
C CYS A 86 15.60 25.94 -22.74
N LYS A 87 15.11 25.37 -21.64
CA LYS A 87 14.90 23.95 -21.58
C LYS A 87 13.51 23.74 -21.04
N SER A 88 12.86 22.66 -21.46
CA SER A 88 11.48 22.44 -21.04
C SER A 88 11.27 21.06 -20.48
N SER A 89 10.39 20.97 -19.49
CA SER A 89 10.09 19.69 -18.91
C SER A 89 8.61 19.48 -18.95
N LEU A 90 8.17 18.32 -19.39
CA LEU A 90 6.74 18.04 -19.36
C LEU A 90 6.27 18.04 -17.92
N TRP A 91 7.01 17.36 -17.05
CA TRP A 91 6.68 17.29 -15.64
C TRP A 91 7.93 16.73 -15.02
N ASP A 92 8.64 15.91 -15.78
CA ASP A 92 9.84 15.24 -15.27
C ASP A 92 10.99 16.18 -15.02
N ASN A 93 11.91 15.76 -14.17
CA ASN A 93 13.08 16.58 -13.89
C ASN A 93 13.87 16.82 -15.16
N ILE A 94 13.91 15.83 -16.04
CA ILE A 94 14.69 15.96 -17.26
C ILE A 94 14.22 17.17 -18.04
N PHE A 95 15.18 17.96 -18.50
CA PHE A 95 14.86 19.17 -19.22
C PHE A 95 15.21 19.07 -20.69
N LYS A 96 15.34 17.85 -21.20
CA LYS A 96 15.77 17.66 -22.58
C LYS A 96 14.84 18.27 -23.62
N ARG A 97 13.53 18.21 -23.37
CA ARG A 97 12.59 18.72 -24.35
C ARG A 97 12.88 20.18 -24.59
N ASN A 98 12.91 20.58 -25.85
CA ASN A 98 13.25 21.96 -26.18
C ASN A 98 12.14 22.94 -25.85
N CYS A 99 12.52 24.16 -25.48
CA CYS A 99 11.52 25.19 -25.17
C CYS A 99 10.74 25.49 -26.43
N THR A 100 9.42 25.56 -26.32
CA THR A 100 8.58 25.76 -27.50
C THR A 100 7.48 26.76 -27.28
N ASP A 101 7.11 27.52 -28.31
CA ASP A 101 5.97 28.44 -28.22
C ASP A 101 6.06 29.42 -27.07
N VAL A 102 5.03 29.44 -26.23
CA VAL A 102 4.98 30.35 -25.10
C VAL A 102 6.13 30.13 -24.13
N LEU A 103 6.54 28.89 -23.96
CA LEU A 103 7.59 28.57 -22.99
C LEU A 103 8.93 29.24 -23.25
N ASP A 104 9.24 29.57 -24.50
CA ASP A 104 10.53 30.16 -24.81
C ASP A 104 10.74 31.43 -23.99
N ALA A 105 11.92 31.58 -23.37
CA ALA A 105 12.17 32.73 -22.50
C ALA A 105 13.63 33.19 -22.47
N THR A 106 13.86 34.41 -22.01
CA THR A 106 15.23 34.94 -21.90
C THR A 106 15.42 35.44 -20.49
N ALA A 107 16.64 35.40 -19.96
CA ALA A 107 16.84 35.80 -18.56
C ALA A 107 17.67 37.07 -18.40
N VAL A 108 17.14 38.04 -17.66
CA VAL A 108 17.84 39.33 -17.47
C VAL A 108 18.03 39.63 -15.97
N ILE A 109 19.24 40.04 -15.58
CA ILE A 109 19.52 40.27 -14.16
C ILE A 109 19.41 41.71 -13.68
N LYS A 110 18.36 42.02 -12.91
CA LYS A 110 18.23 43.35 -12.31
C LYS A 110 17.94 43.17 -10.84
N THR A 111 18.64 43.86 -9.95
CA THR A 111 18.41 43.60 -8.53
C THR A 111 17.87 44.70 -7.64
N GLY A 112 16.72 44.45 -7.04
CA GLY A 112 16.19 45.39 -6.07
C GLY A 112 17.00 45.40 -4.79
N THR A 113 17.46 44.24 -4.34
CA THR A 113 18.17 44.14 -3.06
C THR A 113 19.47 44.93 -2.99
N CYS A 114 20.26 44.87 -4.06
CA CYS A 114 21.46 45.68 -4.08
C CYS A 114 21.00 47.11 -4.18
N PRO A 115 21.70 48.03 -3.51
CA PRO A 115 21.19 49.41 -3.50
C PRO A 115 21.13 49.91 -4.91
N PHE A 116 22.14 49.60 -5.68
CA PHE A 116 22.12 49.98 -7.08
C PHE A 116 21.18 49.04 -7.83
N SER A 117 20.52 49.54 -8.86
CA SER A 117 19.59 48.72 -9.63
C SER A 117 20.36 47.60 -10.26
N PHE A 118 21.58 47.87 -10.73
CA PHE A 118 22.43 46.81 -11.26
C PHE A 118 21.81 45.95 -12.32
N ASP A 119 21.25 46.54 -13.37
CA ASP A 119 20.74 45.72 -14.47
C ASP A 119 21.88 45.37 -15.40
N LYS A 120 22.96 44.79 -14.85
CA LYS A 120 24.11 44.36 -15.65
C LYS A 120 24.61 45.47 -16.55
N LEU A 121 24.66 46.68 -16.02
CA LEU A 121 25.05 47.81 -16.83
C LEU A 121 26.53 47.90 -17.10
N ASN A 122 26.89 48.58 -18.18
CA ASN A 122 28.30 48.82 -18.43
C ASN A 122 28.75 49.70 -17.29
N ASN A 123 27.88 50.59 -16.84
CA ASN A 123 28.21 51.38 -15.67
C ASN A 123 28.43 50.42 -14.53
N TYR A 124 29.54 50.59 -13.82
CA TYR A 124 29.86 49.69 -12.73
C TYR A 124 29.81 50.52 -11.48
N LEU A 125 29.14 50.02 -10.46
CA LEU A 125 28.98 50.83 -9.28
C LEU A 125 29.82 50.34 -8.12
N THR A 126 30.77 51.16 -7.67
CA THR A 126 31.60 50.81 -6.51
C THR A 126 32.28 49.46 -6.55
N PHE A 127 32.21 48.69 -5.45
CA PHE A 127 32.83 47.35 -5.33
C PHE A 127 34.28 47.43 -4.91
N ASN A 128 34.73 46.45 -4.16
CA ASN A 128 36.14 46.39 -3.84
C ASN A 128 36.38 44.96 -4.19
N LYS A 129 35.55 44.09 -3.64
CA LYS A 129 35.64 42.69 -3.97
C LYS A 129 34.29 42.30 -4.51
N PHE A 130 34.27 41.71 -5.70
CA PHE A 130 33.01 41.24 -6.26
C PHE A 130 33.11 39.75 -6.27
N CYS A 131 32.10 39.08 -5.73
CA CYS A 131 32.06 37.63 -5.74
C CYS A 131 30.68 37.22 -6.20
N LEU A 132 30.54 35.96 -6.60
CA LEU A 132 29.24 35.49 -7.01
C LEU A 132 28.96 34.25 -6.20
N SER A 133 28.72 34.46 -4.91
CA SER A 133 28.44 33.34 -4.03
C SER A 133 27.12 32.67 -4.32
N LEU A 134 27.09 31.35 -4.20
CA LEU A 134 25.82 30.65 -4.36
C LEU A 134 25.24 30.47 -2.97
N SER A 135 25.95 30.98 -1.97
CA SER A 135 25.48 30.88 -0.60
C SER A 135 25.04 32.23 -0.10
N PRO A 136 23.81 32.31 0.45
CA PRO A 136 23.29 33.58 0.98
C PRO A 136 24.13 34.10 2.13
N VAL A 137 24.58 33.21 3.00
CA VAL A 137 25.38 33.61 4.14
C VAL A 137 26.70 34.22 3.69
N GLY A 138 27.09 35.31 4.31
CA GLY A 138 28.34 35.96 3.96
C GLY A 138 28.26 36.87 2.76
N ALA A 139 27.07 37.04 2.20
CA ALA A 139 26.92 37.88 1.02
C ALA A 139 26.05 39.09 1.31
N ASN A 140 26.57 40.29 1.07
CA ASN A 140 25.82 41.50 1.38
C ASN A 140 24.53 41.74 0.60
N CYS A 141 24.54 41.53 -0.71
CA CYS A 141 23.35 41.80 -1.53
C CYS A 141 23.22 40.76 -2.63
N LYS A 142 22.02 40.55 -3.14
CA LYS A 142 21.85 39.51 -4.15
C LYS A 142 21.40 40.04 -5.50
N PHE A 143 22.15 39.73 -6.55
CA PHE A 143 21.74 40.12 -7.89
C PHE A 143 20.54 39.25 -8.22
N ASP A 144 19.51 39.79 -8.83
CA ASP A 144 18.34 38.95 -9.07
C ASP A 144 18.12 38.74 -10.55
N VAL A 145 18.15 37.49 -10.99
CA VAL A 145 18.00 37.22 -12.41
C VAL A 145 16.58 36.82 -12.71
N ALA A 146 15.94 37.53 -13.63
CA ALA A 146 14.54 37.26 -13.90
C ALA A 146 14.28 36.77 -15.29
N ALA A 147 13.60 35.63 -15.40
CA ALA A 147 13.22 35.13 -16.70
C ALA A 147 12.14 36.07 -17.22
N ARG A 148 12.24 36.44 -18.48
CA ARG A 148 11.26 37.34 -19.06
C ARG A 148 10.40 36.55 -20.00
N THR A 149 9.10 36.50 -19.74
CA THR A 149 8.18 35.81 -20.62
C THR A 149 7.14 36.85 -20.95
N ARG A 150 6.46 36.68 -22.08
CA ARG A 150 5.51 37.69 -22.51
C ARG A 150 4.40 37.86 -21.48
N THR A 151 3.89 36.75 -20.96
CA THR A 151 2.85 36.83 -19.94
C THR A 151 3.31 37.45 -18.62
N ASN A 152 4.50 37.09 -18.15
CA ASN A 152 4.95 37.57 -16.85
C ASN A 152 6.46 37.55 -16.69
N GLU A 153 6.99 38.33 -15.75
CA GLU A 153 8.41 38.29 -15.49
C GLU A 153 8.60 37.63 -14.14
N GLN A 154 9.39 36.56 -14.10
CA GLN A 154 9.57 35.83 -12.85
C GLN A 154 11.04 35.70 -12.50
N VAL A 155 11.41 35.99 -11.25
CA VAL A 155 12.81 35.96 -10.89
C VAL A 155 13.22 34.53 -10.58
N VAL A 156 14.00 33.94 -11.47
CA VAL A 156 14.41 32.56 -11.27
C VAL A 156 15.33 32.35 -10.09
N ARG A 157 16.31 33.22 -9.93
CA ARG A 157 17.30 33.01 -8.87
C ARG A 157 17.87 34.28 -8.30
N SER A 158 18.42 34.17 -7.10
CA SER A 158 19.09 35.32 -6.53
C SER A 158 20.56 34.92 -6.46
N LEU A 159 21.42 35.70 -7.09
CA LEU A 159 22.84 35.39 -7.09
C LEU A 159 23.45 36.21 -6.00
N TYR A 160 23.81 35.57 -4.91
CA TYR A 160 24.33 36.31 -3.77
C TYR A 160 25.69 36.89 -4.07
N VAL A 161 25.90 38.13 -3.68
CA VAL A 161 27.17 38.80 -3.95
C VAL A 161 27.72 39.32 -2.65
N ILE A 162 28.97 38.95 -2.33
CA ILE A 162 29.60 39.50 -1.15
C ILE A 162 29.94 40.91 -1.55
N TYR A 163 29.09 41.85 -1.20
CA TYR A 163 29.35 43.20 -1.67
C TYR A 163 30.25 43.88 -0.68
N GLU A 165 32.28 47.27 -0.71
CA GLU A 165 32.26 48.44 -1.58
C GLU A 165 33.51 49.27 -1.37
N GLY A 166 34.18 49.62 -2.45
CA GLY A 166 35.42 50.36 -2.31
C GLY A 166 35.74 51.36 -3.39
N ASP A 167 36.51 52.37 -3.03
CA ASP A 167 36.93 53.39 -3.98
C ASP A 167 37.84 52.78 -5.03
N ASN A 168 38.67 51.82 -4.62
CA ASN A 168 39.66 51.26 -5.53
C ASN A 168 39.11 50.62 -6.79
N ILE A 169 38.01 49.89 -6.67
CA ILE A 169 37.46 49.22 -7.83
C ILE A 169 36.22 49.99 -8.28
N VAL A 170 36.11 50.27 -9.57
CA VAL A 170 34.97 51.01 -10.09
C VAL A 170 33.78 50.09 -10.35
N SER B 39 -9.23 -40.94 15.64
CA SER B 39 -9.11 -41.52 14.31
C SER B 39 -7.66 -41.82 13.97
N LYS B 40 -7.39 -42.03 12.70
CA LYS B 40 -6.03 -42.31 12.26
C LYS B 40 -5.15 -41.08 12.38
N PRO B 41 -3.87 -41.27 12.67
CA PRO B 41 -2.95 -40.12 12.73
C PRO B 41 -2.88 -39.42 11.39
N TRP B 42 -2.84 -40.17 10.29
CA TRP B 42 -2.86 -39.56 8.96
C TRP B 42 -4.16 -38.81 8.72
N ASN B 43 -5.27 -39.33 9.22
CA ASN B 43 -6.55 -38.64 9.07
C ASN B 43 -6.51 -37.30 9.78
N HIS B 44 -5.85 -37.24 10.93
CA HIS B 44 -5.69 -35.96 11.62
C HIS B 44 -4.85 -35.01 10.78
N TYR B 45 -5.23 -33.74 10.74
CA TYR B 45 -4.48 -32.76 9.97
C TYR B 45 -3.06 -32.61 10.51
N ARG B 46 -2.93 -32.59 11.83
CA ARG B 46 -1.61 -32.38 12.41
C ARG B 46 -0.67 -33.54 12.17
N LEU B 47 0.58 -33.24 11.84
CA LEU B 47 1.56 -34.30 11.69
C LEU B 47 1.86 -34.81 13.09
N PRO B 48 2.01 -36.14 13.24
CA PRO B 48 2.39 -36.61 14.57
C PRO B 48 3.74 -36.08 15.03
N LYS B 49 3.84 -35.71 16.29
CA LYS B 49 5.07 -35.13 16.82
C LYS B 49 6.24 -36.09 16.76
N THR B 50 5.98 -37.38 16.87
CA THR B 50 7.05 -38.36 16.92
C THR B 50 7.93 -38.31 15.68
N LEU B 51 7.36 -38.08 14.51
CA LEU B 51 8.19 -37.96 13.34
C LEU B 51 8.71 -36.54 13.25
N ILE B 52 10.00 -36.36 13.49
CA ILE B 52 10.61 -35.05 13.43
C ILE B 52 11.67 -35.09 12.35
N PRO B 53 11.64 -34.14 11.41
CA PRO B 53 12.60 -34.26 10.31
C PRO B 53 13.93 -33.59 10.59
N SER B 54 14.98 -34.39 10.77
CA SER B 54 16.30 -33.81 10.94
C SER B 54 16.76 -33.10 9.67
N SER B 55 16.54 -33.73 8.51
CA SER B 55 16.96 -33.15 7.24
C SER B 55 16.13 -33.62 6.08
N TYR B 56 16.09 -32.85 5.01
CA TYR B 56 15.41 -33.34 3.83
C TYR B 56 16.33 -33.20 2.64
N ASN B 57 16.54 -34.29 1.92
CA ASN B 57 17.33 -34.17 0.71
C ASN B 57 16.34 -34.34 -0.41
N VAL B 58 16.14 -33.31 -1.21
CA VAL B 58 15.12 -33.40 -2.22
C VAL B 58 15.70 -33.34 -3.61
N THR B 59 15.46 -34.37 -4.41
CA THR B 59 15.90 -34.32 -5.79
C THR B 59 14.63 -34.28 -6.61
N LEU B 60 14.46 -33.25 -7.42
CA LEU B 60 13.25 -33.12 -8.21
C LEU B 60 13.51 -32.70 -9.63
N ARG B 61 12.81 -33.32 -10.58
CA ARG B 61 12.96 -32.89 -11.95
C ARG B 61 11.64 -32.42 -12.53
N PRO B 62 11.43 -31.10 -12.55
CA PRO B 62 10.23 -30.61 -13.22
C PRO B 62 10.39 -30.69 -14.72
N TYR B 63 9.31 -30.94 -15.44
CA TYR B 63 9.41 -30.94 -16.89
C TYR B 63 8.87 -29.60 -17.33
N LEU B 64 9.70 -28.81 -17.97
CA LEU B 64 9.24 -27.53 -18.49
C LEU B 64 8.98 -27.69 -19.96
N THR B 65 9.03 -28.93 -20.43
CA THR B 65 8.74 -29.21 -21.80
C THR B 65 7.40 -29.91 -21.80
N PRO B 66 6.48 -29.47 -22.66
CA PRO B 66 5.21 -30.21 -22.74
C PRO B 66 5.45 -31.62 -23.22
N ASN B 67 4.75 -32.58 -22.63
CA ASN B 67 4.94 -33.98 -22.99
C ASN B 67 4.07 -34.38 -24.17
N SER B 68 4.07 -35.66 -24.52
CA SER B 68 3.19 -36.12 -25.59
C SER B 68 1.78 -35.88 -25.10
N ASN B 69 1.51 -36.15 -23.83
CA ASN B 69 0.22 -35.85 -23.25
C ASN B 69 0.02 -34.34 -23.23
N GLY B 70 1.09 -33.59 -23.01
CA GLY B 70 0.99 -32.15 -22.91
C GLY B 70 0.92 -31.77 -21.45
N LEU B 71 1.09 -32.76 -20.60
CA LEU B 71 1.06 -32.50 -19.18
C LEU B 71 2.47 -32.35 -18.68
N TYR B 72 2.80 -31.17 -18.19
CA TYR B 72 4.14 -30.92 -17.67
C TYR B 72 4.19 -31.72 -16.39
N THR B 73 5.27 -32.46 -16.17
CA THR B 73 5.30 -33.33 -15.00
C THR B 73 6.52 -33.17 -14.11
N PHE B 74 6.32 -33.06 -12.81
CA PHE B 74 7.49 -33.03 -11.94
C PHE B 74 7.71 -34.41 -11.36
N LYS B 75 8.83 -35.02 -11.72
CA LYS B 75 9.13 -36.35 -11.20
C LYS B 75 10.46 -36.34 -10.50
N GLY B 76 10.50 -36.79 -9.26
CA GLY B 76 11.74 -36.73 -8.51
C GLY B 76 11.80 -37.73 -7.39
N SER B 77 13.00 -37.98 -6.86
CA SER B 77 13.13 -38.87 -5.72
C SER B 77 13.67 -38.11 -4.52
N SER B 78 12.94 -38.10 -3.41
CA SER B 78 13.38 -37.32 -2.27
C SER B 78 13.63 -38.16 -1.03
N THR B 79 14.79 -38.00 -0.42
CA THR B 79 15.08 -38.72 0.82
C THR B 79 14.57 -37.97 2.04
N VAL B 80 13.87 -38.67 2.91
CA VAL B 80 13.39 -38.05 4.13
C VAL B 80 14.35 -38.50 5.20
N ARG B 81 15.17 -37.61 5.74
CA ARG B 81 16.04 -38.01 6.83
C ARG B 81 15.37 -37.58 8.11
N PHE B 82 14.93 -38.54 8.90
CA PHE B 82 14.20 -38.18 10.10
C PHE B 82 14.45 -39.06 11.31
N THR B 83 14.18 -38.53 12.49
CA THR B 83 14.36 -39.30 13.71
C THR B 83 12.97 -39.50 14.28
N CYS B 84 12.69 -40.69 14.79
CA CYS B 84 11.40 -40.91 15.42
C CYS B 84 11.53 -40.79 16.93
N LYS B 85 10.87 -39.79 17.51
CA LYS B 85 10.91 -39.63 18.96
C LYS B 85 10.28 -40.85 19.57
N GLU B 86 9.16 -41.30 19.00
CA GLU B 86 8.55 -42.53 19.46
C GLU B 86 8.55 -43.36 18.20
N SER B 87 9.04 -44.58 18.25
CA SER B 87 9.13 -45.36 17.02
C SER B 87 7.73 -45.64 16.51
N THR B 88 7.50 -45.36 15.24
CA THR B 88 6.20 -45.62 14.64
C THR B 88 6.32 -46.47 13.39
N SER B 89 5.63 -47.59 13.36
CA SER B 89 5.68 -48.47 12.19
C SER B 89 5.14 -47.76 10.96
N MET B 90 4.05 -47.02 11.14
CA MET B 90 3.47 -46.28 10.02
C MET B 90 3.96 -44.84 10.10
N ILE B 91 4.47 -44.34 8.98
CA ILE B 91 5.04 -42.99 8.97
C ILE B 91 4.13 -42.07 8.17
N ILE B 92 3.84 -40.89 8.69
CA ILE B 92 2.94 -39.98 8.01
C ILE B 92 3.73 -38.83 7.42
N ILE B 93 3.58 -38.62 6.12
CA ILE B 93 4.29 -37.53 5.46
C ILE B 93 3.20 -36.64 4.90
N HIS B 94 3.44 -35.34 4.89
CA HIS B 94 2.46 -34.50 4.27
C HIS B 94 2.82 -34.38 2.80
N SER B 95 2.19 -35.17 1.94
CA SER B 95 2.42 -35.05 0.51
C SER B 95 1.06 -35.00 -0.13
N LYS B 96 0.80 -34.02 -0.98
CA LYS B 96 -0.54 -33.86 -1.53
C LYS B 96 -0.66 -34.25 -2.98
N LYS B 97 -1.62 -35.12 -3.29
CA LYS B 97 -1.89 -35.49 -4.69
C LYS B 97 -0.69 -36.01 -5.47
N LEU B 98 0.13 -36.83 -4.84
CA LEU B 98 1.30 -37.34 -5.52
C LEU B 98 1.25 -38.84 -5.69
N ASN B 99 1.30 -39.33 -6.93
CA ASN B 99 1.36 -40.77 -7.14
C ASN B 99 2.83 -41.13 -6.97
N TYR B 100 3.12 -42.35 -6.55
CA TYR B 100 4.53 -42.65 -6.28
C TYR B 100 5.16 -43.65 -7.22
N THR B 101 6.23 -43.22 -7.88
CA THR B 101 6.95 -44.12 -8.77
C THR B 101 7.74 -45.13 -7.95
N ASN B 102 7.94 -46.32 -8.49
CA ASN B 102 8.63 -47.34 -7.73
C ASN B 102 10.09 -47.42 -8.11
N ILE B 103 10.97 -47.27 -7.13
CA ILE B 103 12.38 -47.42 -7.41
C ILE B 103 12.63 -48.90 -7.30
N GLN B 104 12.95 -49.54 -8.42
CA GLN B 104 13.16 -50.98 -8.41
C GLN B 104 11.93 -51.66 -7.84
N GLY B 105 12.14 -52.54 -6.86
CA GLY B 105 11.03 -53.25 -6.25
C GLY B 105 9.99 -52.43 -5.51
N GLN B 106 10.40 -51.41 -4.77
CA GLN B 106 9.45 -50.67 -3.94
C GLN B 106 9.38 -49.18 -4.18
N ARG B 107 8.22 -48.59 -3.90
CA ARG B 107 8.04 -47.17 -4.07
C ARG B 107 9.00 -46.42 -3.17
N VAL B 108 9.18 -46.90 -1.95
CA VAL B 108 10.11 -46.28 -1.03
C VAL B 108 11.32 -47.16 -0.83
N ALA B 109 12.50 -46.60 -1.08
CA ALA B 109 13.73 -47.34 -0.86
C ALA B 109 14.45 -46.67 0.28
N LEU B 110 14.78 -47.43 1.32
CA LEU B 110 15.39 -46.80 2.49
C LEU B 110 16.83 -47.23 2.71
N ARG B 111 17.73 -46.25 2.78
CA ARG B 111 19.13 -46.56 2.99
C ARG B 111 19.64 -45.95 4.27
N GLY B 112 20.27 -46.76 5.11
CA GLY B 112 20.79 -46.26 6.37
C GLY B 112 22.29 -46.42 6.41
N VAL B 113 23.00 -45.36 6.78
CA VAL B 113 24.46 -45.42 6.78
C VAL B 113 25.06 -45.43 8.16
N GLY B 114 25.95 -46.38 8.43
CA GLY B 114 26.59 -46.48 9.73
C GLY B 114 25.59 -46.67 10.85
N GLY B 115 25.67 -45.82 11.87
CA GLY B 115 24.76 -45.91 13.00
C GLY B 115 23.33 -45.70 12.56
N SER B 116 23.11 -44.76 11.64
CA SER B 116 21.77 -44.54 11.12
C SER B 116 21.34 -45.79 10.39
N GLN B 117 20.12 -46.24 10.64
CA GLN B 117 19.62 -47.42 9.94
C GLN B 117 18.22 -47.23 9.37
N ALA B 118 18.04 -47.66 8.13
CA ALA B 118 16.74 -47.49 7.48
C ALA B 118 16.20 -48.78 6.87
N PRO B 119 14.93 -49.11 7.15
CA PRO B 119 14.32 -50.30 6.56
C PRO B 119 13.36 -49.98 5.42
N ALA B 120 13.54 -50.60 4.26
CA ALA B 120 12.72 -50.23 3.10
C ALA B 120 11.24 -50.38 3.35
N ILE B 121 10.47 -49.37 2.99
CA ILE B 121 9.04 -49.39 3.28
C ILE B 121 8.22 -50.03 2.19
N ASP B 122 7.35 -50.97 2.56
CA ASP B 122 6.56 -51.69 1.58
C ASP B 122 5.57 -50.89 0.72
N ARG B 123 4.84 -49.95 1.31
CA ARG B 123 3.80 -49.27 0.54
C ARG B 123 3.62 -47.77 0.72
N THR B 124 3.11 -47.10 -0.30
CA THR B 124 2.79 -45.68 -0.18
C THR B 124 1.31 -45.56 -0.43
N GLU B 125 0.58 -44.90 0.46
CA GLU B 125 -0.85 -44.70 0.27
C GLU B 125 -1.18 -43.24 0.58
N LEU B 126 -2.15 -42.69 -0.11
CA LEU B 126 -2.55 -41.32 0.19
C LEU B 126 -3.98 -41.30 0.70
N VAL B 127 -4.20 -40.69 1.87
CA VAL B 127 -5.57 -40.57 2.36
C VAL B 127 -6.31 -39.59 1.48
N GLU B 128 -7.49 -39.94 1.03
CA GLU B 128 -8.28 -38.98 0.26
C GLU B 128 -8.74 -37.81 1.11
N VAL B 129 -9.15 -38.07 2.34
CA VAL B 129 -9.67 -37.02 3.20
C VAL B 129 -8.62 -35.94 3.52
N THR B 130 -7.42 -36.36 3.87
CA THR B 130 -6.41 -35.38 4.27
C THR B 130 -5.33 -35.13 3.24
N GLU B 131 -5.35 -35.90 2.15
CA GLU B 131 -4.32 -35.77 1.11
C GLU B 131 -2.91 -35.86 1.67
N TYR B 132 -2.64 -36.85 2.50
CA TYR B 132 -1.32 -37.00 3.10
C TYR B 132 -0.72 -38.32 2.72
N LEU B 133 0.55 -38.32 2.33
CA LEU B 133 1.19 -39.60 2.05
C LEU B 133 1.37 -40.39 3.33
N VAL B 134 1.02 -41.67 3.31
CA VAL B 134 1.28 -42.49 4.47
C VAL B 134 2.18 -43.57 3.95
N VAL B 135 3.28 -43.81 4.63
CA VAL B 135 4.12 -44.91 4.22
C VAL B 135 3.95 -46.01 5.23
N HIS B 136 3.55 -47.19 4.78
CA HIS B 136 3.26 -48.26 5.71
C HIS B 136 4.38 -49.28 5.73
N LEU B 137 5.01 -49.41 6.89
CA LEU B 137 6.11 -50.36 7.01
C LEU B 137 5.72 -51.42 8.01
N ARG B 138 5.79 -52.69 7.61
CA ARG B 138 5.48 -53.77 8.52
C ARG B 138 6.46 -53.83 9.68
N GLU B 139 7.74 -53.64 9.39
CA GLU B 139 8.76 -53.69 10.43
C GLU B 139 8.61 -52.55 11.43
N PRO B 140 8.75 -52.86 12.73
CA PRO B 140 8.72 -51.77 13.71
C PRO B 140 9.93 -50.85 13.56
N LEU B 141 9.73 -49.55 13.73
CA LEU B 141 10.83 -48.60 13.62
C LEU B 141 11.77 -48.65 14.81
N GLN B 142 12.99 -48.16 14.64
CA GLN B 142 13.95 -48.14 15.74
C GLN B 142 13.91 -46.76 16.35
N VAL B 143 13.68 -46.68 17.65
CA VAL B 143 13.52 -45.36 18.27
C VAL B 143 14.71 -44.44 18.17
N ASN B 144 14.47 -43.18 17.83
CA ASN B 144 15.53 -42.17 17.76
C ASN B 144 16.72 -42.55 16.89
N SER B 145 16.44 -43.08 15.71
CA SER B 145 17.51 -43.46 14.81
C SER B 145 17.22 -42.78 13.50
N GLN B 146 18.25 -42.57 12.68
CA GLN B 146 18.01 -41.83 11.46
C GLN B 146 17.70 -42.78 10.33
N TYR B 147 16.54 -42.60 9.72
CA TYR B 147 16.17 -43.43 8.60
C TYR B 147 16.01 -42.48 7.44
N GLU B 148 16.67 -42.79 6.33
CA GLU B 148 16.56 -41.93 5.16
C GLU B 148 15.66 -42.61 4.17
N MET B 149 14.51 -42.01 3.89
CA MET B 149 13.56 -42.65 3.00
C MET B 149 13.51 -42.02 1.65
N ASP B 150 14.09 -42.68 0.66
CA ASP B 150 14.11 -42.12 -0.67
C ASP B 150 12.94 -42.70 -1.44
N SER B 151 12.02 -41.83 -1.83
CA SER B 151 10.85 -42.30 -2.55
C SER B 151 10.70 -41.56 -3.85
N LYS B 152 10.58 -42.27 -4.94
CA LYS B 152 10.34 -41.61 -6.21
C LYS B 152 8.86 -41.26 -6.29
N PHE B 153 8.57 -40.06 -6.79
CA PHE B 153 7.18 -39.64 -6.89
C PHE B 153 6.94 -38.99 -8.23
N GLU B 154 5.71 -39.07 -8.71
CA GLU B 154 5.37 -38.41 -9.96
C GLU B 154 4.26 -37.44 -9.68
N GLY B 155 4.40 -36.21 -10.17
CA GLY B 155 3.38 -35.20 -9.96
C GLY B 155 3.19 -34.46 -11.25
N GLU B 156 2.06 -33.78 -11.40
CA GLU B 156 1.82 -33.02 -12.61
C GLU B 156 1.85 -31.53 -12.31
N LEU B 157 2.64 -30.78 -13.08
CA LEU B 157 2.71 -29.34 -12.88
C LEU B 157 1.49 -28.74 -13.54
N ALA B 158 0.66 -28.06 -12.76
CA ALA B 158 -0.54 -27.44 -13.29
C ALA B 158 -0.56 -26.00 -12.83
N ASP B 159 -1.07 -25.10 -13.65
CA ASP B 159 -1.03 -23.68 -13.31
C ASP B 159 -2.17 -23.26 -12.40
N ASP B 160 -2.19 -23.74 -11.16
CA ASP B 160 -3.23 -23.36 -10.22
C ASP B 160 -2.66 -22.42 -9.17
N LEU B 161 -1.42 -21.96 -9.37
CA LEU B 161 -0.75 -21.11 -8.38
C LEU B 161 -0.68 -21.80 -7.02
N ALA B 162 -0.46 -23.11 -7.04
CA ALA B 162 -0.35 -23.87 -5.81
C ALA B 162 0.67 -24.97 -6.03
N GLY B 163 1.36 -25.38 -4.97
CA GLY B 163 2.31 -26.46 -5.09
C GLY B 163 3.36 -26.20 -6.12
N PHE B 164 3.59 -27.15 -7.01
CA PHE B 164 4.51 -26.91 -8.08
C PHE B 164 3.63 -26.44 -9.22
N TYR B 165 3.87 -25.23 -9.68
CA TYR B 165 3.01 -24.66 -10.72
C TYR B 165 3.85 -23.94 -11.75
N ARG B 166 3.25 -23.66 -12.89
CA ARG B 166 4.00 -23.01 -13.94
C ARG B 166 3.56 -21.57 -14.13
N SER B 167 4.51 -20.66 -14.20
CA SER B 167 4.17 -19.26 -14.45
C SER B 167 4.55 -18.92 -15.87
N GLU B 168 3.63 -18.30 -16.59
CA GLU B 168 3.89 -18.00 -17.98
C GLU B 168 3.88 -16.52 -18.29
N TYR B 169 4.93 -16.05 -18.97
CA TYR B 169 4.97 -14.65 -19.36
C TYR B 169 5.26 -14.50 -20.85
N THR B 170 4.58 -13.58 -21.50
CA THR B 170 4.83 -13.39 -22.92
C THR B 170 5.86 -12.30 -23.06
N GLU B 171 7.02 -12.64 -23.59
CA GLU B 171 8.03 -11.64 -23.85
C GLU B 171 8.33 -11.64 -25.32
N ASN B 172 8.23 -10.49 -25.98
CA ASN B 172 8.48 -10.38 -27.42
C ASN B 172 7.60 -11.33 -28.23
N GLY B 173 6.36 -11.53 -27.79
CA GLY B 173 5.45 -12.41 -28.50
C GLY B 173 5.62 -13.89 -28.21
N VAL B 174 6.54 -14.24 -27.30
CA VAL B 174 6.81 -15.65 -27.02
C VAL B 174 6.44 -16.01 -25.59
N LYS B 175 5.59 -17.01 -25.43
CA LYS B 175 5.24 -17.48 -24.10
C LYS B 175 6.44 -18.16 -23.47
N LYS B 176 6.70 -17.89 -22.19
CA LYS B 176 7.87 -18.47 -21.54
C LYS B 176 7.46 -19.30 -20.34
N VAL B 177 7.98 -20.52 -20.24
CA VAL B 177 7.55 -21.40 -19.16
C VAL B 177 8.52 -21.43 -17.99
N LEU B 178 8.05 -21.07 -16.80
CA LEU B 178 8.92 -21.15 -15.63
C LEU B 178 8.32 -21.96 -14.48
N ALA B 179 9.10 -22.86 -13.92
CA ALA B 179 8.62 -23.63 -12.78
C ALA B 179 8.61 -22.76 -11.56
N THR B 180 7.50 -22.79 -10.81
CA THR B 180 7.39 -21.94 -9.64
C THR B 180 6.83 -22.77 -8.51
N THR B 181 7.21 -22.45 -7.29
CA THR B 181 6.61 -23.16 -6.17
C THR B 181 5.86 -22.27 -5.25
N GLN B 182 4.54 -22.66 -5.03
CA GLN B 182 3.80 -21.94 -4.02
C GLN B 182 3.91 -22.92 -2.89
N MET B 183 4.40 -22.48 -1.74
CA MET B 183 4.60 -23.42 -0.65
C MET B 183 3.77 -23.14 0.58
N GLN B 184 2.98 -22.07 0.54
CA GLN B 184 2.19 -21.69 1.71
C GLN B 184 1.26 -22.81 2.15
N ALA B 185 1.34 -23.21 3.44
CA ALA B 185 0.41 -24.22 3.96
C ALA B 185 0.42 -25.54 3.20
N ALA B 186 -0.75 -25.97 2.73
CA ALA B 186 -0.88 -27.24 2.02
C ALA B 186 -0.11 -27.31 0.71
N ASP B 187 0.23 -26.17 0.14
CA ASP B 187 0.94 -26.13 -1.13
C ASP B 187 2.31 -26.81 -1.10
N ALA B 188 3.04 -26.69 0.00
CA ALA B 188 4.36 -27.31 0.09
C ALA B 188 4.27 -28.80 -0.10
N ARG B 189 3.24 -29.40 0.49
CA ARG B 189 3.04 -30.85 0.37
C ARG B 189 2.82 -31.28 -1.08
N LYS B 190 2.08 -30.49 -1.83
CA LYS B 190 1.84 -30.82 -3.22
C LYS B 190 3.13 -30.86 -4.02
N SER B 191 3.99 -29.88 -3.80
CA SER B 191 5.26 -29.85 -4.51
C SER B 191 6.17 -31.01 -4.17
N PHE B 192 6.28 -31.35 -2.89
CA PHE B 192 7.15 -32.45 -2.46
C PHE B 192 6.71 -33.07 -1.15
N PRO B 193 7.06 -34.36 -0.94
CA PRO B 193 6.73 -34.90 0.38
C PRO B 193 7.55 -34.20 1.44
N CYS B 194 6.89 -33.77 2.50
CA CYS B 194 7.57 -33.07 3.56
C CYS B 194 6.80 -33.27 4.82
N PHE B 195 7.43 -33.09 5.96
CA PHE B 195 6.65 -33.15 7.19
C PHE B 195 6.27 -31.70 7.31
N ASP B 196 5.09 -31.32 6.82
CA ASP B 196 4.77 -29.88 6.80
C ASP B 196 4.01 -29.34 7.98
N GLU B 197 4.71 -28.57 8.81
CA GLU B 197 4.06 -27.93 9.93
C GLU B 197 4.96 -26.75 10.23
N PRO B 198 4.41 -25.69 10.82
CA PRO B 198 5.31 -24.62 11.26
C PRO B 198 6.22 -25.20 12.32
N ALA B 199 5.67 -26.07 13.17
CA ALA B 199 6.47 -26.70 14.21
C ALA B 199 7.60 -27.57 13.65
N MET B 200 7.33 -28.30 12.57
CA MET B 200 8.34 -29.19 12.04
C MET B 200 9.37 -28.40 11.26
N LYS B 201 10.63 -28.52 11.65
CA LYS B 201 11.68 -27.76 11.00
C LYS B 201 12.78 -28.67 10.51
N ALA B 202 13.21 -28.48 9.26
CA ALA B 202 14.23 -29.33 8.68
C ALA B 202 15.29 -28.53 7.96
N THR B 203 16.45 -29.13 7.73
CA THR B 203 17.49 -28.46 6.96
C THR B 203 17.34 -29.04 5.57
N PHE B 204 17.16 -28.20 4.57
CA PHE B 204 16.87 -28.74 3.24
C PHE B 204 18.01 -28.71 2.24
N ASN B 205 18.43 -29.87 1.78
CA ASN B 205 19.48 -29.94 0.77
C ASN B 205 18.74 -30.24 -0.50
N ILE B 206 18.86 -29.38 -1.51
CA ILE B 206 18.05 -29.59 -2.71
C ILE B 206 18.85 -29.86 -3.95
N THR B 207 18.52 -30.91 -4.67
CA THR B 207 19.18 -31.15 -5.93
C THR B 207 18.08 -30.89 -6.94
N LEU B 208 18.29 -29.94 -7.83
CA LEU B 208 17.21 -29.62 -8.74
C LEU B 208 17.61 -29.94 -10.15
N ILE B 209 16.83 -30.81 -10.80
CA ILE B 209 17.12 -31.13 -12.19
C ILE B 209 16.17 -30.31 -13.02
N HIS B 210 16.70 -29.51 -13.93
CA HIS B 210 15.86 -28.59 -14.68
C HIS B 210 16.43 -28.42 -16.07
N PRO B 211 15.63 -27.84 -17.00
CA PRO B 211 16.25 -27.61 -18.31
C PRO B 211 17.44 -26.67 -18.18
N SER B 212 18.49 -26.90 -18.96
CA SER B 212 19.72 -26.11 -18.83
C SER B 212 19.53 -24.63 -19.06
N ASN B 213 18.70 -24.26 -20.03
CA ASN B 213 18.45 -22.85 -20.30
C ASN B 213 17.85 -22.14 -19.10
N LEU B 214 16.92 -22.81 -18.41
CA LEU B 214 16.33 -22.23 -17.20
C LEU B 214 17.33 -22.30 -16.04
N VAL B 215 17.23 -21.39 -15.08
CA VAL B 215 18.12 -21.42 -13.93
C VAL B 215 17.40 -21.63 -12.60
N ALA B 216 17.83 -22.63 -11.84
CA ALA B 216 17.19 -22.94 -10.56
C ALA B 216 17.48 -21.98 -9.40
N LEU B 217 16.55 -21.90 -8.47
CA LEU B 217 16.73 -21.05 -7.29
C LEU B 217 16.23 -21.85 -6.12
N SER B 218 16.69 -21.55 -4.92
CA SER B 218 16.21 -22.22 -3.71
C SER B 218 16.46 -21.24 -2.59
N ASN B 219 15.94 -21.53 -1.40
CA ASN B 219 16.11 -20.61 -0.28
C ASN B 219 17.58 -20.42 0.01
N MET B 220 18.34 -21.50 0.00
CA MET B 220 19.77 -21.41 0.24
C MET B 220 20.62 -21.26 -1.01
N LEU B 221 21.86 -20.82 -0.83
CA LEU B 221 22.77 -20.68 -1.96
C LEU B 221 23.17 -22.05 -2.50
N PRO B 222 23.51 -22.13 -3.80
CA PRO B 222 23.80 -23.48 -4.29
C PRO B 222 25.05 -24.11 -3.71
N ARG B 223 24.92 -25.32 -3.17
CA ARG B 223 26.09 -26.05 -2.67
C ARG B 223 26.98 -26.42 -3.83
N GLY B 224 26.37 -26.86 -4.92
CA GLY B 224 27.14 -27.27 -6.07
C GLY B 224 26.60 -26.68 -7.35
N PRO B 225 27.49 -26.46 -8.33
CA PRO B 225 27.08 -25.88 -9.61
C PRO B 225 26.23 -26.84 -10.42
N SER B 226 25.39 -26.30 -11.30
CA SER B 226 24.53 -27.15 -12.11
C SER B 226 25.36 -28.06 -12.99
N VAL B 227 24.96 -29.32 -13.10
CA VAL B 227 25.73 -30.28 -13.89
C VAL B 227 25.10 -30.43 -15.25
N PRO B 228 25.85 -30.08 -16.31
CA PRO B 228 25.24 -30.10 -17.65
C PRO B 228 24.79 -31.45 -18.14
N PHE B 229 25.56 -32.50 -17.95
CA PHE B 229 25.20 -33.80 -18.53
C PHE B 229 24.97 -34.94 -17.54
N THR B 230 24.72 -34.62 -16.28
CA THR B 230 24.64 -35.70 -15.29
C THR B 230 23.54 -36.72 -15.56
N GLU B 231 22.34 -36.26 -15.90
CA GLU B 231 21.31 -37.22 -16.29
C GLU B 231 21.21 -37.18 -17.80
N GLU B 232 21.15 -35.98 -18.34
CA GLU B 232 21.04 -35.81 -19.78
C GLU B 232 21.68 -34.47 -20.05
N PRO B 233 22.08 -34.22 -21.30
CA PRO B 233 22.62 -32.88 -21.61
C PRO B 233 21.58 -31.80 -21.35
N ASN B 234 20.33 -32.05 -21.68
CA ASN B 234 19.27 -31.07 -21.38
C ASN B 234 19.09 -30.84 -19.89
N TRP B 235 19.17 -31.89 -19.08
CA TRP B 235 18.95 -31.73 -17.65
C TRP B 235 20.14 -31.13 -16.91
N ASN B 236 19.90 -30.09 -16.13
CA ASN B 236 20.98 -29.43 -15.41
C ASN B 236 20.69 -29.67 -13.94
N VAL B 237 21.65 -30.23 -13.20
CA VAL B 237 21.36 -30.57 -11.81
C VAL B 237 22.08 -29.68 -10.82
N THR B 238 21.35 -28.89 -10.06
CA THR B 238 22.00 -27.96 -9.15
C THR B 238 21.84 -28.36 -7.71
N GLU B 239 22.96 -28.64 -7.04
CA GLU B 239 22.90 -28.94 -5.62
C GLU B 239 22.72 -27.65 -4.83
N PHE B 240 22.02 -27.71 -3.71
CA PHE B 240 21.77 -26.52 -2.91
C PHE B 240 22.16 -26.79 -1.48
N GLU B 241 22.63 -25.75 -0.78
CA GLU B 241 23.07 -25.91 0.60
C GLU B 241 21.93 -26.27 1.52
N THR B 242 22.24 -26.99 2.59
CA THR B 242 21.19 -27.27 3.56
C THR B 242 20.75 -25.96 4.14
N THR B 243 19.45 -25.74 4.19
CA THR B 243 18.92 -24.50 4.72
C THR B 243 19.00 -24.47 6.22
N PRO B 244 18.97 -23.27 6.82
CA PRO B 244 18.91 -23.26 8.28
C PRO B 244 17.57 -23.87 8.66
N ILE B 245 17.45 -24.49 9.82
CA ILE B 245 16.21 -25.20 10.12
C ILE B 245 15.04 -24.27 9.95
N MET B 246 14.05 -24.71 9.18
CA MET B 246 12.91 -23.87 8.88
C MET B 246 11.73 -24.73 8.50
N SER B 247 10.53 -24.16 8.52
CA SER B 247 9.37 -24.90 8.10
C SER B 247 9.46 -25.19 6.61
N THR B 248 8.87 -26.30 6.18
CA THR B 248 8.87 -26.65 4.76
C THR B 248 8.14 -25.62 3.94
N TYR B 249 7.11 -25.01 4.51
CA TYR B 249 6.40 -23.96 3.81
C TYR B 249 7.34 -22.80 3.50
N LEU B 250 8.24 -22.46 4.43
CA LEU B 250 9.21 -21.40 4.18
C LEU B 250 10.12 -21.73 3.01
N LEU B 251 10.55 -22.99 2.94
CA LEU B 251 11.42 -23.40 1.84
C LEU B 251 10.70 -23.33 0.51
N ALA B 252 11.34 -22.77 -0.51
CA ALA B 252 10.74 -22.73 -1.85
C ALA B 252 11.83 -22.87 -2.90
N TYR B 253 11.52 -23.47 -4.05
CA TYR B 253 12.49 -23.53 -5.14
C TYR B 253 11.92 -23.08 -6.48
N ILE B 254 12.59 -22.13 -7.15
CA ILE B 254 12.04 -21.59 -8.40
C ILE B 254 12.95 -21.77 -9.59
N VAL B 255 12.45 -22.34 -10.69
CA VAL B 255 13.28 -22.42 -11.88
C VAL B 255 12.75 -21.38 -12.84
N SER B 256 13.58 -20.42 -13.24
CA SER B 256 13.08 -19.33 -14.07
C SER B 256 14.00 -18.85 -15.19
N GLU B 257 13.44 -18.16 -16.18
CA GLU B 257 14.24 -17.60 -17.26
C GLU B 257 14.61 -16.17 -16.95
N PHE B 258 14.25 -15.69 -15.77
CA PHE B 258 14.49 -14.28 -15.43
C PHE B 258 15.94 -13.86 -15.40
N LYS B 259 16.25 -12.69 -15.95
CA LYS B 259 17.62 -12.18 -15.91
C LYS B 259 17.99 -11.69 -14.51
N ASN B 260 19.27 -11.72 -14.19
CA ASN B 260 19.72 -11.32 -12.85
C ASN B 260 20.92 -10.39 -12.83
N VAL B 261 20.92 -9.41 -11.94
CA VAL B 261 22.11 -8.57 -11.78
C VAL B 261 22.53 -8.72 -10.32
N GLN B 262 23.52 -9.56 -10.02
CA GLN B 262 23.85 -9.83 -8.62
C GLN B 262 24.32 -8.65 -7.78
N GLU B 263 23.77 -8.51 -6.58
CA GLU B 263 24.17 -7.42 -5.69
C GLU B 263 24.55 -7.96 -4.31
N ASN B 264 25.67 -7.50 -3.78
CA ASN B 264 26.12 -7.94 -2.46
C ASN B 264 26.21 -6.80 -1.47
N THR B 265 25.62 -6.98 -0.29
CA THR B 265 25.70 -5.96 0.75
C THR B 265 27.03 -6.02 1.48
N PRO B 266 27.37 -4.98 2.26
CA PRO B 266 28.58 -5.07 3.09
C PRO B 266 28.43 -6.22 4.08
N SER B 267 27.22 -6.45 4.59
CA SER B 267 26.95 -7.56 5.50
C SER B 267 27.05 -8.89 4.78
N ASN B 268 27.13 -8.89 3.44
CA ASN B 268 27.26 -10.09 2.60
C ASN B 268 25.97 -10.79 2.26
N VAL B 269 24.85 -10.23 2.68
CA VAL B 269 23.60 -10.80 2.27
C VAL B 269 23.51 -10.46 0.79
N LEU B 270 23.11 -11.43 -0.03
CA LEU B 270 23.04 -11.17 -1.45
C LEU B 270 21.60 -10.87 -1.76
N ILE B 271 21.33 -9.69 -2.28
CA ILE B 271 19.96 -9.29 -2.52
C ILE B 271 19.53 -9.43 -3.96
N ARG B 272 19.34 -8.31 -4.65
CA ARG B 272 18.97 -8.28 -6.08
C ARG B 272 17.58 -8.75 -6.49
N ILE B 273 17.33 -8.76 -7.80
CA ILE B 273 15.99 -9.08 -8.26
C ILE B 273 15.94 -10.07 -9.41
N TRP B 274 14.86 -10.85 -9.49
CA TRP B 274 14.70 -11.76 -10.62
C TRP B 274 13.64 -11.11 -11.47
N ALA B 275 14.01 -10.69 -12.67
CA ALA B 275 13.06 -9.99 -13.53
C ALA B 275 13.28 -10.38 -14.98
N ARG B 276 12.26 -10.22 -15.82
CA ARG B 276 12.39 -10.60 -17.23
C ARG B 276 13.46 -9.76 -17.92
N PRO B 277 14.14 -10.32 -18.92
CA PRO B 277 15.26 -9.59 -19.53
C PRO B 277 14.92 -8.22 -20.13
N SER B 278 13.78 -8.09 -20.82
CA SER B 278 13.40 -6.78 -21.33
C SER B 278 13.18 -5.81 -20.19
N ALA B 279 12.57 -6.28 -19.10
CA ALA B 279 12.37 -5.43 -17.93
C ALA B 279 13.69 -5.00 -17.32
N MET B 280 14.68 -5.87 -17.33
CA MET B 280 16.00 -5.50 -16.84
C MET B 280 16.60 -4.40 -17.69
N ASP B 281 16.41 -4.47 -19.01
CA ASP B 281 16.89 -3.41 -19.90
C ASP B 281 16.17 -2.12 -19.54
N GLN B 282 14.89 -2.22 -19.24
CA GLN B 282 14.12 -1.06 -18.82
C GLN B 282 14.65 -0.47 -17.52
N GLY B 283 15.08 -1.34 -16.60
CA GLY B 283 15.60 -0.87 -15.32
C GLY B 283 14.56 -0.50 -14.29
N HIS B 284 13.34 -1.00 -14.45
CA HIS B 284 12.27 -0.69 -13.52
C HIS B 284 12.56 -1.17 -12.10
N GLY B 285 13.19 -2.33 -11.97
CA GLY B 285 13.53 -2.87 -10.67
C GLY B 285 14.64 -2.17 -9.90
N ASN B 286 15.37 -1.28 -10.56
CA ASN B 286 16.50 -0.61 -9.91
C ASN B 286 16.13 0.16 -8.67
N TYR B 287 14.99 0.85 -8.69
CA TYR B 287 14.55 1.59 -7.52
C TYR B 287 14.30 0.66 -6.35
N ALA B 288 13.68 -0.49 -6.61
CA ALA B 288 13.40 -1.43 -5.55
C ALA B 288 14.70 -1.91 -4.95
N LEU B 289 15.68 -2.18 -5.80
CA LEU B 289 16.98 -2.64 -5.32
C LEU B 289 17.62 -1.57 -4.46
N ARG B 290 17.53 -0.32 -4.88
CA ARG B 290 18.09 0.78 -4.10
C ARG B 290 17.41 0.85 -2.74
N VAL B 291 16.09 0.70 -2.71
CA VAL B 291 15.33 0.76 -1.47
C VAL B 291 15.62 -0.34 -0.45
N THR B 292 15.85 -1.59 -0.90
CA THR B 292 15.99 -2.69 0.05
C THR B 292 17.13 -2.61 1.05
N GLY B 293 18.31 -2.18 0.63
CA GLY B 293 19.45 -2.19 1.54
C GLY B 293 19.41 -1.36 2.81
N PRO B 294 18.97 -0.09 2.72
CA PRO B 294 18.87 0.64 3.99
C PRO B 294 17.84 0.06 4.93
N ILE B 295 16.70 -0.38 4.41
CA ILE B 295 15.65 -0.93 5.25
C ILE B 295 16.14 -2.17 6.00
N LEU B 296 16.91 -3.02 5.32
CA LEU B 296 17.43 -4.21 5.97
C LEU B 296 18.33 -3.83 7.13
N ASP B 297 19.19 -2.84 6.92
CA ASP B 297 20.10 -2.41 7.97
C ASP B 297 19.34 -1.81 9.14
N PHE B 298 18.33 -1.01 8.85
CA PHE B 298 17.55 -0.38 9.90
C PHE B 298 16.83 -1.43 10.73
N PHE B 299 16.27 -2.41 10.05
CA PHE B 299 15.54 -3.45 10.75
C PHE B 299 16.51 -4.21 11.62
N SER B 300 17.69 -4.49 11.09
CA SER B 300 18.66 -5.26 11.84
C SER B 300 19.04 -4.54 13.12
N ARG B 301 19.18 -3.22 13.07
CA ARG B 301 19.47 -2.47 14.29
C ARG B 301 18.36 -2.54 15.31
N HIS B 302 17.11 -2.38 14.88
CA HIS B 302 15.98 -2.47 15.81
C HIS B 302 15.86 -3.86 16.40
N TYR B 303 15.97 -4.88 15.55
CA TYR B 303 15.88 -6.25 16.01
C TYR B 303 17.11 -6.62 16.84
N ASP B 304 18.25 -6.00 16.55
CA ASP B 304 19.52 -6.27 17.24
C ASP B 304 20.09 -7.62 16.82
N THR B 305 19.53 -8.19 15.76
CA THR B 305 20.01 -9.46 15.25
C THR B 305 20.29 -9.27 13.78
N PRO B 306 21.46 -9.71 13.30
CA PRO B 306 21.71 -9.65 11.86
C PRO B 306 20.89 -10.71 11.12
N TYR B 307 20.61 -10.50 9.84
CA TYR B 307 19.84 -11.46 9.09
C TYR B 307 20.64 -12.76 8.99
N PRO B 308 20.02 -13.89 9.39
CA PRO B 308 20.73 -15.18 9.35
C PRO B 308 21.11 -15.63 7.95
N LEU B 309 20.18 -15.49 7.01
CA LEU B 309 20.46 -15.95 5.66
C LEU B 309 21.44 -15.04 4.95
N ASN B 310 22.32 -15.63 4.16
CA ASN B 310 23.25 -14.80 3.39
C ASN B 310 22.68 -14.51 2.02
N LYS B 311 21.50 -15.03 1.72
CA LYS B 311 20.86 -14.67 0.46
C LYS B 311 19.38 -14.36 0.59
N SER B 312 18.95 -13.20 0.11
CA SER B 312 17.52 -12.88 0.10
C SER B 312 17.18 -12.53 -1.33
N ASP B 313 16.25 -13.23 -1.96
CA ASP B 313 15.99 -12.95 -3.36
C ASP B 313 14.60 -12.43 -3.61
N GLN B 314 14.51 -11.28 -4.28
CA GLN B 314 13.22 -10.71 -4.58
C GLN B 314 12.89 -11.12 -5.99
N ILE B 315 11.73 -11.73 -6.19
CA ILE B 315 11.40 -12.24 -7.51
C ILE B 315 10.19 -11.51 -8.06
N ALA B 316 10.29 -10.97 -9.26
CA ALA B 316 9.14 -10.31 -9.88
C ALA B 316 8.31 -11.31 -10.64
N LEU B 317 7.43 -12.02 -9.94
CA LEU B 317 6.56 -13.00 -10.59
C LEU B 317 5.64 -12.26 -11.54
N PRO B 318 5.44 -12.79 -12.76
CA PRO B 318 4.63 -12.02 -13.69
C PRO B 318 3.23 -11.88 -13.16
N ASP B 319 2.65 -12.96 -12.66
CA ASP B 319 1.37 -12.83 -12.00
C ASP B 319 1.47 -13.56 -10.70
N PHE B 320 1.28 -12.86 -9.61
CA PHE B 320 1.28 -13.52 -8.32
C PHE B 320 -0.02 -13.14 -7.65
N ASN B 321 -0.83 -14.12 -7.31
CA ASN B 321 -2.15 -13.82 -6.74
C ASN B 321 -2.04 -13.10 -5.42
N ALA B 322 -1.14 -13.56 -4.56
CA ALA B 322 -0.91 -12.86 -3.29
C ALA B 322 -0.33 -11.48 -3.51
N GLY B 323 0.61 -11.35 -4.43
CA GLY B 323 1.27 -10.07 -4.66
C GLY B 323 2.49 -9.94 -3.79
N ALA B 324 2.66 -10.83 -2.81
CA ALA B 324 3.86 -10.83 -1.96
C ALA B 324 4.05 -12.22 -1.36
N MET B 325 5.29 -12.60 -1.04
CA MET B 325 5.52 -13.88 -0.38
C MET B 325 6.21 -13.70 0.96
N GLU B 326 5.74 -14.40 1.97
CA GLU B 326 6.31 -14.28 3.31
C GLU B 326 7.39 -15.33 3.55
N ASN B 327 7.70 -16.11 2.53
CA ASN B 327 8.69 -17.18 2.69
C ASN B 327 10.08 -16.69 3.03
N TRP B 328 10.75 -17.40 3.93
CA TRP B 328 12.09 -17.00 4.34
C TRP B 328 13.05 -17.17 3.18
N GLY B 329 14.02 -16.27 3.05
CA GLY B 329 14.97 -16.33 1.95
C GLY B 329 14.43 -15.94 0.58
N LEU B 330 13.39 -16.61 0.13
CA LEU B 330 12.86 -16.30 -1.20
C LEU B 330 11.58 -15.52 -1.06
N VAL B 331 11.57 -14.30 -1.56
CA VAL B 331 10.35 -13.52 -1.53
C VAL B 331 9.92 -13.24 -2.96
N THR B 332 8.71 -13.66 -3.32
CA THR B 332 8.24 -13.46 -4.68
C THR B 332 7.09 -12.49 -4.66
N TYR B 333 7.10 -11.52 -5.57
CA TYR B 333 6.09 -10.49 -5.54
C TYR B 333 5.47 -10.36 -6.90
N ARG B 334 4.28 -9.79 -6.98
CA ARG B 334 3.69 -9.52 -8.28
C ARG B 334 4.54 -8.46 -8.93
N GLU B 335 4.59 -8.45 -10.25
CA GLU B 335 5.48 -7.52 -10.94
C GLU B 335 5.13 -6.08 -10.62
N SER B 336 3.85 -5.76 -10.54
CA SER B 336 3.45 -4.39 -10.28
C SER B 336 3.96 -3.87 -8.94
N ALA B 337 3.84 -4.68 -7.89
CA ALA B 337 4.32 -4.29 -6.58
C ALA B 337 5.83 -4.11 -6.55
N LEU B 338 6.55 -5.07 -7.11
CA LEU B 338 8.00 -5.00 -7.13
C LEU B 338 8.63 -3.93 -8.00
N LEU B 339 8.08 -3.68 -9.18
CA LEU B 339 8.72 -2.77 -10.11
C LEU B 339 8.06 -1.41 -10.24
N TYR B 340 8.85 -0.36 -10.17
CA TYR B 340 8.32 0.98 -10.33
C TYR B 340 8.90 1.64 -11.57
N ASP B 341 8.05 2.19 -12.42
CA ASP B 341 8.55 2.89 -13.59
C ASP B 341 8.48 4.37 -13.28
N PRO B 342 9.62 5.05 -13.37
CA PRO B 342 9.57 6.49 -13.14
C PRO B 342 8.70 7.21 -14.15
N GLN B 343 8.81 6.83 -15.42
CA GLN B 343 8.08 7.54 -16.45
C GLN B 343 6.56 7.46 -16.41
N SER B 344 6.00 6.29 -16.15
CA SER B 344 4.54 6.16 -16.21
C SER B 344 3.81 5.89 -14.91
N SER B 345 4.50 5.92 -13.78
CA SER B 345 3.82 5.54 -12.55
C SER B 345 3.70 6.66 -11.53
N SER B 346 2.59 6.68 -10.81
CA SER B 346 2.34 7.74 -9.84
C SER B 346 3.13 7.67 -8.55
N ILE B 347 3.07 8.73 -7.77
CA ILE B 347 3.73 8.73 -6.46
C ILE B 347 3.11 7.67 -5.56
N GLY B 348 1.82 7.38 -5.73
CA GLY B 348 1.20 6.32 -4.96
C GLY B 348 1.86 5.00 -5.26
N ASN B 349 2.21 4.76 -6.52
CA ASN B 349 2.91 3.53 -6.88
C ASN B 349 4.27 3.44 -6.19
N LYS B 350 4.98 4.55 -6.12
CA LYS B 350 6.28 4.56 -5.45
C LYS B 350 6.11 4.19 -4.00
N GLU B 351 5.07 4.72 -3.38
CA GLU B 351 4.81 4.40 -1.98
C GLU B 351 4.52 2.91 -1.83
N ARG B 352 3.77 2.35 -2.77
CA ARG B 352 3.42 0.94 -2.68
C ARG B 352 4.68 0.07 -2.72
N VAL B 353 5.63 0.38 -3.59
CA VAL B 353 6.82 -0.44 -3.70
C VAL B 353 7.60 -0.43 -2.40
N VAL B 354 7.79 0.75 -1.82
CA VAL B 354 8.59 0.81 -0.61
C VAL B 354 7.92 0.07 0.55
N THR B 355 6.62 0.25 0.72
CA THR B 355 5.93 -0.39 1.84
C THR B 355 5.93 -1.91 1.75
N VAL B 356 5.66 -2.46 0.58
CA VAL B 356 5.57 -3.91 0.45
C VAL B 356 6.93 -4.56 0.74
N ILE B 357 8.00 -3.94 0.27
CA ILE B 357 9.33 -4.49 0.50
C ILE B 357 9.60 -4.51 2.00
N ALA B 358 9.25 -3.43 2.68
CA ALA B 358 9.51 -3.35 4.11
C ALA B 358 8.74 -4.41 4.89
N HIS B 359 7.49 -4.67 4.50
CA HIS B 359 6.68 -5.65 5.21
C HIS B 359 7.34 -7.01 5.12
N GLU B 360 7.80 -7.38 3.94
CA GLU B 360 8.47 -8.67 3.76
C GLU B 360 9.80 -8.79 4.49
N LEU B 361 10.57 -7.71 4.49
CA LEU B 361 11.86 -7.74 5.17
C LEU B 361 11.65 -7.94 6.66
N ALA B 362 10.62 -7.30 7.22
CA ALA B 362 10.32 -7.47 8.64
C ALA B 362 9.97 -8.91 8.93
N HIS B 363 9.25 -9.54 8.00
CA HIS B 363 8.85 -10.93 8.18
C HIS B 363 10.06 -11.87 8.32
N GLN B 364 11.15 -11.60 7.61
CA GLN B 364 12.27 -12.51 7.68
C GLN B 364 12.80 -12.60 9.10
N TRP B 365 12.96 -11.48 9.78
CA TRP B 365 13.36 -11.52 11.19
C TRP B 365 12.25 -12.01 12.11
N PHE B 366 11.01 -11.58 11.86
CA PHE B 366 9.93 -11.91 12.77
C PHE B 366 8.97 -12.95 12.22
N GLY B 367 8.84 -14.07 12.92
CA GLY B 367 7.96 -15.12 12.47
C GLY B 367 8.66 -16.12 11.58
N ASN B 368 9.89 -15.83 11.17
CA ASN B 368 10.65 -16.77 10.37
C ASN B 368 11.89 -17.21 11.13
N LEU B 369 12.71 -16.25 11.56
CA LEU B 369 13.86 -16.57 12.38
C LEU B 369 13.30 -17.08 13.70
N VAL B 370 12.46 -16.29 14.35
CA VAL B 370 11.81 -16.78 15.55
C VAL B 370 10.60 -17.43 14.93
N THR B 371 10.54 -18.74 14.92
CA THR B 371 9.45 -19.40 14.21
C THR B 371 8.07 -19.10 14.74
N LEU B 372 7.11 -18.91 13.85
CA LEU B 372 5.74 -18.71 14.29
C LEU B 372 5.22 -20.06 14.73
N GLU B 373 4.57 -20.13 15.89
CA GLU B 373 4.15 -21.44 16.39
C GLU B 373 3.13 -22.11 15.49
N TRP B 374 2.16 -21.35 15.00
CA TRP B 374 1.08 -21.93 14.19
C TRP B 374 0.48 -20.81 13.35
N TRP B 375 -0.38 -21.17 12.38
CA TRP B 375 -1.05 -20.19 11.54
C TRP B 375 -1.99 -19.29 12.33
N ASN B 376 -2.40 -19.73 13.52
CA ASN B 376 -3.26 -18.91 14.37
C ASN B 376 -2.62 -17.60 14.82
N ASP B 377 -1.29 -17.56 14.90
CA ASP B 377 -0.58 -16.36 15.36
C ASP B 377 -0.24 -15.43 14.22
N LEU B 378 -0.76 -15.73 13.03
CA LEU B 378 -0.44 -14.92 11.86
C LEU B 378 -0.88 -13.47 12.00
N TRP B 379 -2.01 -13.22 12.63
CA TRP B 379 -2.51 -11.86 12.75
C TRP B 379 -1.50 -11.00 13.49
N LEU B 380 -0.89 -11.55 14.54
CA LEU B 380 0.15 -10.81 15.24
C LEU B 380 1.34 -10.56 14.34
N ASN B 381 1.76 -11.57 13.60
CA ASN B 381 2.94 -11.42 12.76
C ASN B 381 2.72 -10.38 11.68
N GLU B 382 1.57 -10.44 11.01
CA GLU B 382 1.26 -9.47 9.98
C GLU B 382 1.12 -8.08 10.58
N GLY B 383 0.48 -8.00 11.73
CA GLY B 383 0.29 -6.71 12.38
C GLY B 383 1.61 -6.09 12.78
N PHE B 384 2.50 -6.91 13.32
CA PHE B 384 3.80 -6.42 13.72
C PHE B 384 4.52 -5.93 12.49
N ALA B 385 4.45 -6.71 11.42
CA ALA B 385 5.18 -6.35 10.22
C ALA B 385 4.68 -5.04 9.62
N SER B 386 3.38 -4.84 9.58
CA SER B 386 2.84 -3.60 9.00
C SER B 386 3.24 -2.35 9.77
N TYR B 387 3.17 -2.42 11.09
CA TYR B 387 3.58 -1.27 11.88
C TYR B 387 5.06 -1.01 11.69
N VAL B 388 5.85 -2.08 11.71
CA VAL B 388 7.29 -1.95 11.51
C VAL B 388 7.59 -1.44 10.12
N GLU B 389 6.80 -1.87 9.14
CA GLU B 389 7.01 -1.44 7.76
C GLU B 389 6.88 0.08 7.64
N TYR B 390 5.94 0.68 8.36
CA TYR B 390 5.83 2.13 8.32
C TYR B 390 7.06 2.82 8.86
N LEU B 391 7.62 2.32 9.94
CA LEU B 391 8.86 2.89 10.47
C LEU B 391 9.98 2.72 9.48
N GLY B 392 10.06 1.54 8.85
CA GLY B 392 11.08 1.29 7.85
C GLY B 392 10.94 2.18 6.64
N ALA B 393 9.71 2.37 6.20
CA ALA B 393 9.46 3.25 5.06
C ALA B 393 9.86 4.67 5.39
N ASP B 394 9.57 5.10 6.61
CA ASP B 394 9.98 6.43 7.04
C ASP B 394 11.49 6.54 7.07
N TYR B 395 12.16 5.48 7.49
CA TYR B 395 13.61 5.51 7.46
C TYR B 395 14.08 5.66 6.01
N ALA B 396 13.47 4.91 5.10
CA ALA B 396 13.86 4.99 3.70
C ALA B 396 13.58 6.36 3.09
N GLU B 397 12.41 6.94 3.37
CA GLU B 397 12.12 8.28 2.89
C GLU B 397 11.83 9.16 4.08
N PRO B 398 12.81 9.94 4.52
CA PRO B 398 12.63 10.80 5.70
C PRO B 398 11.59 11.87 5.49
N THR B 399 11.53 12.47 4.30
CA THR B 399 10.62 13.57 4.06
C THR B 399 9.15 13.19 4.24
N TRP B 400 8.76 12.02 3.74
CA TRP B 400 7.38 11.61 3.84
C TRP B 400 7.07 11.30 5.28
N ASN B 401 5.96 11.84 5.79
CA ASN B 401 5.55 11.49 7.15
C ASN B 401 4.65 10.28 7.09
N LEU B 402 5.23 9.11 6.95
CA LEU B 402 4.44 7.88 6.86
C LEU B 402 3.66 7.59 8.13
N LYS B 403 4.23 7.92 9.28
CA LYS B 403 3.54 7.71 10.54
C LYS B 403 2.26 8.52 10.59
N ASP B 404 2.26 9.74 10.08
CA ASP B 404 1.03 10.52 10.02
C ASP B 404 0.02 9.83 9.13
N LEU B 405 0.47 9.28 8.01
CA LEU B 405 -0.41 8.58 7.09
C LEU B 405 -1.02 7.31 7.66
N ILE B 406 -0.38 6.73 8.68
CA ILE B 406 -0.86 5.44 9.20
C ILE B 406 -2.30 5.52 9.70
N VAL B 407 -2.70 6.62 10.32
CA VAL B 407 -4.05 6.69 10.86
C VAL B 407 -5.08 6.58 9.75
N LEU B 408 -4.87 7.31 8.66
CA LEU B 408 -5.79 7.19 7.54
C LEU B 408 -5.74 5.84 6.87
N ASN B 409 -4.52 5.35 6.61
CA ASN B 409 -4.37 4.09 5.90
C ASN B 409 -4.82 2.85 6.63
N GLU B 410 -4.50 2.73 7.91
CA GLU B 410 -4.83 1.51 8.61
C GLU B 410 -5.95 1.67 9.60
N VAL B 411 -5.81 2.61 10.53
CA VAL B 411 -6.79 2.76 11.59
C VAL B 411 -8.17 3.13 11.06
N TYR B 412 -8.21 4.10 10.16
CA TYR B 412 -9.49 4.52 9.59
C TYR B 412 -10.12 3.42 8.74
N ARG B 413 -9.30 2.70 7.99
CA ARG B 413 -9.83 1.65 7.15
C ARG B 413 -10.48 0.53 7.95
N VAL B 414 -9.88 0.12 9.06
CA VAL B 414 -10.55 -0.89 9.88
C VAL B 414 -11.56 -0.30 10.83
N MET B 415 -11.60 1.02 10.94
CA MET B 415 -12.59 1.65 11.79
C MET B 415 -13.94 1.28 11.21
N ALA B 416 -14.05 1.33 9.89
CA ALA B 416 -15.30 0.97 9.25
C ALA B 416 -15.70 -0.50 9.47
N VAL B 417 -14.76 -1.42 9.29
CA VAL B 417 -15.06 -2.84 9.48
C VAL B 417 -15.37 -3.22 10.92
N ASP B 418 -14.60 -2.67 11.86
CA ASP B 418 -14.81 -2.95 13.28
C ASP B 418 -16.16 -2.42 13.74
N ALA B 419 -16.56 -1.28 13.18
CA ALA B 419 -17.83 -0.68 13.56
C ALA B 419 -18.98 -1.61 13.25
N LEU B 420 -18.92 -2.33 12.14
CA LEU B 420 -19.97 -3.30 11.86
C LEU B 420 -19.96 -4.36 12.94
N ALA B 421 -21.14 -4.69 13.45
CA ALA B 421 -21.24 -5.66 14.54
C ALA B 421 -20.77 -7.06 14.18
N SER B 422 -20.90 -7.45 12.92
CA SER B 422 -20.46 -8.77 12.47
C SER B 422 -18.96 -9.06 12.47
N SER B 423 -18.12 -8.05 12.68
CA SER B 423 -16.66 -8.27 12.58
C SER B 423 -16.09 -9.23 13.61
N HIS B 424 -15.17 -10.09 13.19
CA HIS B 424 -14.56 -11.08 14.09
C HIS B 424 -13.59 -10.53 15.11
N PRO B 425 -13.47 -11.20 16.27
CA PRO B 425 -12.45 -10.78 17.25
C PRO B 425 -11.05 -10.93 16.68
N LEU B 426 -10.12 -10.06 17.08
CA LEU B 426 -8.79 -10.08 16.48
C LEU B 426 -8.02 -11.35 16.85
N SER B 427 -8.14 -11.78 18.09
CA SER B 427 -7.44 -12.98 18.52
C SER B 427 -7.92 -14.24 17.80
N SER B 428 -6.97 -15.08 17.40
CA SER B 428 -7.35 -16.34 16.75
C SER B 428 -6.76 -17.54 17.50
N PRO B 429 -7.62 -18.48 17.90
CA PRO B 429 -7.16 -19.69 18.60
C PRO B 429 -6.46 -20.72 17.72
N ALA B 430 -5.51 -21.47 18.28
CA ALA B 430 -4.84 -22.54 17.53
C ALA B 430 -5.83 -23.62 17.16
N SER B 431 -6.74 -23.93 18.08
CA SER B 431 -7.75 -24.96 17.83
C SER B 431 -8.63 -24.59 16.66
N GLU B 432 -8.96 -23.32 16.55
CA GLU B 432 -9.83 -22.86 15.47
C GLU B 432 -9.23 -23.12 14.10
N VAL B 433 -7.94 -22.89 13.94
CA VAL B 433 -7.33 -23.03 12.63
C VAL B 433 -6.86 -24.45 12.39
N ASN B 434 -7.55 -25.17 11.51
CA ASN B 434 -7.15 -26.54 11.19
C ASN B 434 -7.05 -26.75 9.70
N THR B 435 -8.12 -26.49 8.97
CA THR B 435 -8.14 -26.74 7.53
C THR B 435 -7.31 -25.74 6.72
N PRO B 436 -6.95 -26.10 5.48
CA PRO B 436 -6.23 -25.12 4.65
C PRO B 436 -7.07 -23.88 4.42
N ALA B 437 -8.39 -24.05 4.30
CA ALA B 437 -9.26 -22.90 4.16
C ALA B 437 -9.19 -22.02 5.40
N GLN B 438 -9.11 -22.63 6.58
CA GLN B 438 -8.97 -21.86 7.82
C GLN B 438 -7.68 -21.04 7.81
N ILE B 439 -6.59 -21.63 7.30
CA ILE B 439 -5.33 -20.91 7.20
C ILE B 439 -5.50 -19.70 6.28
N SER B 440 -6.22 -19.88 5.17
CA SER B 440 -6.49 -18.77 4.26
C SER B 440 -7.32 -17.70 4.95
N GLU B 441 -8.26 -18.11 5.81
CA GLU B 441 -9.12 -17.16 6.51
C GLU B 441 -8.35 -16.20 7.40
N VAL B 442 -7.27 -16.67 8.02
CA VAL B 442 -6.50 -15.82 8.93
C VAL B 442 -5.99 -14.59 8.18
N PHE B 443 -5.59 -14.75 6.93
CA PHE B 443 -5.17 -13.58 6.17
C PHE B 443 -6.43 -12.78 5.91
N ASP B 444 -6.50 -11.57 6.46
CA ASP B 444 -7.67 -10.71 6.26
C ASP B 444 -7.26 -9.27 6.57
N SER B 445 -8.02 -8.29 6.09
CA SER B 445 -7.63 -6.89 6.28
C SER B 445 -7.55 -6.50 7.74
N ILE B 446 -8.48 -6.99 8.55
CA ILE B 446 -8.48 -6.68 9.96
C ILE B 446 -7.19 -7.19 10.58
N SER B 447 -6.75 -8.38 10.18
CA SER B 447 -5.57 -8.93 10.81
C SER B 447 -4.35 -8.05 10.64
N TYR B 448 -4.07 -7.60 9.41
CA TYR B 448 -2.94 -6.68 9.27
C TYR B 448 -3.15 -5.26 9.78
N SER B 449 -4.24 -4.63 9.36
CA SER B 449 -4.46 -3.22 9.74
C SER B 449 -4.76 -2.93 11.20
N LYS B 450 -5.65 -3.71 11.80
CA LYS B 450 -5.94 -3.52 13.21
C LYS B 450 -4.72 -3.85 14.02
N GLY B 451 -3.98 -4.87 13.60
CA GLY B 451 -2.79 -5.26 14.32
C GLY B 451 -1.78 -4.13 14.35
N ALA B 452 -1.61 -3.42 13.24
CA ALA B 452 -0.70 -2.28 13.21
C ALA B 452 -1.13 -1.18 14.17
N SER B 453 -2.44 -0.91 14.22
CA SER B 453 -2.96 0.11 15.12
C SER B 453 -2.74 -0.23 16.60
N VAL B 454 -2.97 -1.48 16.97
CA VAL B 454 -2.73 -1.90 18.35
C VAL B 454 -1.25 -1.79 18.66
N LEU B 455 -0.41 -2.15 17.69
CA LEU B 455 1.04 -2.06 17.89
C LEU B 455 1.48 -0.63 18.14
N ARG B 456 0.90 0.33 17.43
CA ARG B 456 1.24 1.73 17.65
C ARG B 456 0.85 2.15 19.05
N MET B 457 -0.33 1.74 19.50
CA MET B 457 -0.76 2.06 20.86
C MET B 457 0.16 1.43 21.88
N LEU B 458 0.58 0.20 21.63
CA LEU B 458 1.47 -0.49 22.57
C LEU B 458 2.79 0.24 22.68
N SER B 459 3.31 0.69 21.55
CA SER B 459 4.58 1.39 21.56
C SER B 459 4.47 2.67 22.36
N SER B 460 3.34 3.36 22.23
CA SER B 460 3.15 4.60 22.96
C SER B 460 3.13 4.40 24.48
N PHE B 461 2.45 3.39 24.99
CA PHE B 461 2.52 3.13 26.43
C PHE B 461 3.90 2.65 26.91
N LEU B 462 4.58 1.86 26.09
CA LEU B 462 5.92 1.38 26.45
C LEU B 462 6.98 2.41 26.14
N THR B 463 6.59 3.54 25.56
CA THR B 463 7.53 4.63 25.22
C THR B 463 8.64 4.25 24.26
N GLU B 464 8.38 3.34 23.32
CA GLU B 464 9.35 2.96 22.28
C GLU B 464 10.61 2.20 22.67
N ASP B 465 11.45 2.77 23.53
CA ASP B 465 12.71 2.12 23.87
C ASP B 465 12.52 0.80 24.57
N LEU B 466 11.60 0.75 25.52
CA LEU B 466 11.31 -0.50 26.21
C LEU B 466 10.74 -1.52 25.24
N PHE B 467 9.88 -1.06 24.34
CA PHE B 467 9.31 -1.96 23.35
C PHE B 467 10.41 -2.53 22.47
N LYS B 468 11.34 -1.69 22.04
CA LYS B 468 12.44 -2.15 21.19
C LYS B 468 13.33 -3.15 21.92
N LYS B 469 13.61 -2.87 23.20
CA LYS B 469 14.45 -3.76 23.98
C LYS B 469 13.79 -5.12 24.13
N GLY B 470 12.49 -5.12 24.38
CA GLY B 470 11.80 -6.38 24.55
C GLY B 470 11.82 -7.21 23.28
N VAL B 471 11.62 -6.57 22.14
CA VAL B 471 11.63 -7.29 20.88
C VAL B 471 13.01 -7.88 20.62
N ALA B 472 14.05 -7.10 20.87
CA ALA B 472 15.40 -7.58 20.61
C ALA B 472 15.72 -8.78 21.46
N SER B 473 15.39 -8.70 22.74
CA SER B 473 15.68 -9.79 23.65
C SER B 473 14.91 -11.03 23.27
N TYR B 474 13.65 -10.86 22.89
CA TYR B 474 12.82 -12.00 22.52
C TYR B 474 13.42 -12.69 21.31
N LEU B 475 13.90 -11.90 20.35
CA LEU B 475 14.45 -12.48 19.15
C LEU B 475 15.67 -13.34 19.45
N HIS B 476 16.57 -12.83 20.27
CA HIS B 476 17.77 -13.59 20.63
C HIS B 476 17.47 -14.83 21.45
N THR B 477 16.60 -14.68 22.45
CA THR B 477 16.28 -15.82 23.33
C THR B 477 15.57 -16.93 22.60
N PHE B 478 14.65 -16.58 21.72
CA PHE B 478 13.83 -17.59 21.07
C PHE B 478 14.18 -17.93 19.63
N ALA B 479 15.39 -17.60 19.19
CA ALA B 479 15.75 -17.84 17.80
C ALA B 479 15.62 -19.30 17.45
N TYR B 480 15.01 -19.59 16.29
CA TYR B 480 14.79 -20.98 15.84
C TYR B 480 13.92 -21.80 16.77
N GLN B 481 12.98 -21.16 17.45
CA GLN B 481 12.06 -21.87 18.32
C GLN B 481 10.66 -21.40 17.96
N ASN B 482 9.71 -22.32 17.90
CA ASN B 482 8.34 -21.91 17.65
C ASN B 482 7.84 -21.07 18.81
N THR B 483 7.18 -19.95 18.53
CA THR B 483 6.80 -19.05 19.61
C THR B 483 5.41 -18.45 19.61
N ILE B 484 4.97 -18.03 20.79
CA ILE B 484 3.67 -17.39 20.92
C ILE B 484 3.85 -15.92 21.27
N TYR B 485 2.78 -15.16 21.13
CA TYR B 485 2.82 -13.73 21.44
C TYR B 485 3.15 -13.45 22.89
N LEU B 486 2.75 -14.34 23.78
CA LEU B 486 2.97 -14.14 25.21
C LEU B 486 4.46 -14.04 25.52
N ASP B 487 5.29 -14.82 24.85
CA ASP B 487 6.73 -14.73 25.07
C ASP B 487 7.26 -13.35 24.71
N LEU B 488 6.81 -12.80 23.59
CA LEU B 488 7.22 -11.45 23.22
C LEU B 488 6.73 -10.45 24.25
N TRP B 489 5.49 -10.61 24.69
CA TRP B 489 4.92 -9.68 25.66
C TRP B 489 5.68 -9.73 26.97
N ASN B 490 6.10 -10.92 27.39
CA ASN B 490 6.85 -11.06 28.62
C ASN B 490 8.16 -10.31 28.52
N HIS B 491 8.82 -10.41 27.36
CA HIS B 491 10.06 -9.69 27.16
C HIS B 491 9.89 -8.17 27.22
N LEU B 492 8.83 -7.65 26.64
CA LEU B 492 8.58 -6.21 26.74
C LEU B 492 8.34 -5.82 28.19
N GLN B 493 7.59 -6.66 28.91
CA GLN B 493 7.30 -6.41 30.32
C GLN B 493 8.60 -6.44 31.12
N TRP B 494 9.49 -7.38 30.79
CA TRP B 494 10.76 -7.46 31.48
C TRP B 494 11.60 -6.22 31.26
N ALA B 495 11.61 -5.70 30.03
CA ALA B 495 12.36 -4.49 29.75
C ALA B 495 11.79 -3.33 30.55
N LEU B 496 10.47 -3.26 30.65
CA LEU B 496 9.83 -2.22 31.46
C LEU B 496 10.23 -2.40 32.92
N GLY B 497 10.33 -3.64 33.39
CA GLY B 497 10.74 -3.90 34.75
C GLY B 497 12.14 -3.40 35.03
N ASN B 498 13.05 -3.57 34.07
CA ASN B 498 14.43 -3.11 34.24
C ASN B 498 14.50 -1.61 34.43
N GLN B 499 13.72 -0.86 33.65
CA GLN B 499 13.83 0.60 33.71
C GLN B 499 12.72 1.24 34.54
N THR B 500 13.11 1.93 35.61
CA THR B 500 12.12 2.53 36.50
C THR B 500 11.65 3.91 36.05
N ALA B 501 12.29 4.48 35.05
CA ALA B 501 11.94 5.83 34.60
C ALA B 501 10.51 5.92 34.10
N ILE B 502 10.08 4.91 33.36
CA ILE B 502 8.71 4.89 32.86
C ILE B 502 7.95 3.82 33.63
N ASN B 503 6.81 4.19 34.20
CA ASN B 503 6.03 3.25 34.97
C ASN B 503 4.66 3.04 34.36
N LEU B 504 4.25 1.79 34.23
CA LEU B 504 2.92 1.49 33.72
C LEU B 504 2.08 1.04 34.89
N PRO B 505 0.88 1.63 35.05
CA PRO B 505 -0.01 1.24 36.14
C PRO B 505 -0.43 -0.22 35.99
N TYR B 506 -0.65 -0.67 34.77
CA TYR B 506 -1.08 -2.03 34.53
C TYR B 506 -0.03 -2.77 33.72
N THR B 507 -0.01 -4.09 33.84
CA THR B 507 0.98 -4.90 33.12
C THR B 507 0.80 -4.82 31.62
N VAL B 508 1.90 -4.95 30.87
CA VAL B 508 1.82 -4.81 29.42
C VAL B 508 0.86 -5.85 28.84
N ASN B 509 0.96 -7.07 29.34
CA ASN B 509 0.11 -8.14 28.84
C ASN B 509 -1.36 -7.82 29.09
N ALA B 510 -1.68 -7.31 30.27
CA ALA B 510 -3.07 -7.01 30.61
C ALA B 510 -3.70 -5.93 29.74
N ILE B 511 -2.98 -4.84 29.48
CA ILE B 511 -3.51 -3.79 28.62
C ILE B 511 -3.71 -4.33 27.23
N MET B 512 -2.72 -5.07 26.74
CA MET B 512 -2.79 -5.59 25.39
C MET B 512 -3.96 -6.53 25.22
N ASP B 513 -4.23 -7.35 26.24
CA ASP B 513 -5.28 -8.35 26.12
C ASP B 513 -6.65 -7.75 25.84
N ARG B 514 -6.99 -6.64 26.49
CA ARG B 514 -8.31 -6.09 26.30
C ARG B 514 -8.51 -5.72 24.85
N TRP B 515 -7.53 -5.07 24.26
CA TRP B 515 -7.62 -4.70 22.86
C TRP B 515 -7.63 -5.86 21.87
N ILE B 516 -6.76 -6.85 22.07
CA ILE B 516 -6.70 -8.00 21.17
C ILE B 516 -7.91 -8.94 21.22
N LEU B 517 -8.43 -9.20 22.42
CA LEU B 517 -9.54 -10.14 22.55
C LEU B 517 -10.87 -9.73 21.93
N GLN B 518 -11.23 -8.45 22.00
CA GLN B 518 -12.53 -8.02 21.47
C GLN B 518 -12.46 -7.04 20.33
N MET B 519 -13.36 -7.17 19.37
CA MET B 519 -13.41 -6.25 18.24
C MET B 519 -13.95 -4.88 18.58
N GLY B 520 -13.62 -3.89 17.77
CA GLY B 520 -14.18 -2.56 17.97
C GLY B 520 -13.46 -1.53 18.79
N PHE B 521 -14.10 -0.38 18.97
CA PHE B 521 -13.47 0.71 19.68
C PHE B 521 -14.51 1.46 20.52
N PRO B 522 -14.09 2.01 21.66
CA PRO B 522 -15.02 2.80 22.49
C PRO B 522 -15.18 4.26 22.10
N VAL B 523 -16.20 4.94 22.58
CA VAL B 523 -16.34 6.38 22.35
C VAL B 523 -16.26 6.99 23.74
N VAL B 524 -15.39 7.96 23.93
CA VAL B 524 -15.25 8.57 25.23
C VAL B 524 -15.90 9.95 25.21
N THR B 525 -16.88 10.18 26.09
CA THR B 525 -17.58 11.46 26.11
C THR B 525 -17.24 12.23 27.36
N VAL B 526 -16.80 13.47 27.20
CA VAL B 526 -16.39 14.27 28.35
C VAL B 526 -17.20 15.56 28.49
N ASP B 527 -17.71 15.83 29.69
CA ASP B 527 -18.42 17.08 29.90
C ASP B 527 -17.46 18.05 30.55
N THR B 528 -17.23 19.19 29.91
CA THR B 528 -16.28 20.16 30.43
C THR B 528 -16.66 20.73 31.78
N THR B 529 -17.93 20.97 31.99
CA THR B 529 -18.34 21.62 33.22
C THR B 529 -18.01 20.79 34.48
N THR B 530 -18.20 19.48 34.42
CA THR B 530 -17.91 18.63 35.57
C THR B 530 -16.63 17.80 35.49
N GLY B 531 -16.09 17.59 34.30
CA GLY B 531 -14.91 16.74 34.15
C GLY B 531 -15.17 15.25 34.09
N THR B 532 -16.44 14.85 34.05
CA THR B 532 -16.79 13.43 33.97
C THR B 532 -16.48 12.81 32.62
N LEU B 533 -16.03 11.54 32.61
CA LEU B 533 -15.73 10.84 31.35
C LEU B 533 -16.50 9.54 31.23
N SER B 534 -17.13 9.30 30.07
CA SER B 534 -17.92 8.09 29.88
C SER B 534 -17.56 7.29 28.63
N GLN B 535 -17.42 5.97 28.74
CA GLN B 535 -17.02 5.15 27.59
C GLN B 535 -18.01 4.08 27.16
N LYS B 536 -18.31 4.02 25.85
CA LYS B 536 -19.22 2.98 25.33
C LYS B 536 -18.84 2.56 23.90
N HIS B 537 -19.20 1.34 23.50
CA HIS B 537 -18.85 0.83 22.17
C HIS B 537 -19.46 1.60 21.01
N PHE B 538 -18.72 1.72 19.90
CA PHE B 538 -19.26 2.42 18.74
C PHE B 538 -19.67 1.52 17.60
N LEU B 539 -20.91 1.65 17.16
CA LEU B 539 -21.37 0.89 16.00
C LEU B 539 -21.83 1.97 15.04
N LEU B 540 -21.37 1.92 13.80
CA LEU B 540 -21.74 2.94 12.83
C LEU B 540 -23.23 2.90 12.59
N ASP B 541 -23.78 1.70 12.50
CA ASP B 541 -25.22 1.56 12.34
C ASP B 541 -25.89 2.04 13.61
N PRO B 542 -26.94 2.86 13.47
CA PRO B 542 -27.65 3.33 14.65
C PRO B 542 -28.28 2.17 15.39
N GLN B 543 -28.87 1.24 14.67
CA GLN B 543 -29.46 0.07 15.29
C GLN B 543 -28.74 -1.16 14.82
N SER B 544 -28.14 -1.90 15.75
CA SER B 544 -27.45 -3.14 15.40
C SER B 544 -27.40 -4.06 16.60
N ASN B 545 -27.21 -5.35 16.39
CA ASN B 545 -27.06 -6.27 17.50
C ASN B 545 -25.72 -6.97 17.39
N VAL B 546 -24.92 -6.93 18.46
CA VAL B 546 -23.65 -7.63 18.42
C VAL B 546 -23.79 -8.98 19.09
N THR B 547 -23.79 -10.04 18.29
CA THR B 547 -23.90 -11.39 18.84
C THR B 547 -22.71 -11.79 19.67
N ARG B 548 -21.50 -11.43 19.23
CA ARG B 548 -20.30 -11.87 19.93
C ARG B 548 -20.20 -11.34 21.35
N PRO B 549 -19.81 -12.21 22.28
CA PRO B 549 -19.72 -11.81 23.69
C PRO B 549 -18.31 -11.78 24.26
N SER B 550 -17.97 -10.71 24.97
CA SER B 550 -16.65 -10.61 25.59
C SER B 550 -16.76 -10.35 27.08
N LYS B 551 -15.80 -10.86 27.84
CA LYS B 551 -15.81 -10.67 29.30
C LYS B 551 -15.66 -9.21 29.65
N PHE B 552 -14.83 -8.51 28.91
CA PHE B 552 -14.65 -7.09 29.13
C PHE B 552 -15.91 -6.29 28.85
N ASN B 553 -16.77 -6.79 27.95
CA ASN B 553 -18.01 -6.09 27.57
C ASN B 553 -17.72 -4.72 27.02
N TYR B 554 -16.68 -4.61 26.19
CA TYR B 554 -16.31 -3.34 25.58
C TYR B 554 -15.99 -2.24 26.56
N LEU B 555 -15.36 -2.60 27.68
CA LEU B 555 -14.92 -1.58 28.61
C LEU B 555 -13.45 -1.80 28.48
N TRP B 556 -12.69 -0.77 28.18
CA TRP B 556 -11.27 -0.96 27.91
C TRP B 556 -10.44 0.00 28.72
N ILE B 557 -9.22 -0.41 29.09
CA ILE B 557 -8.34 0.55 29.75
C ILE B 557 -7.94 1.48 28.62
N ILE B 558 -8.05 2.77 28.85
CA ILE B 558 -7.80 3.70 27.77
C ILE B 558 -6.65 4.63 28.10
N PRO B 559 -5.69 4.77 27.16
CA PRO B 559 -4.64 5.75 27.44
C PRO B 559 -5.09 7.12 26.97
N ILE B 560 -5.20 8.08 27.90
CA ILE B 560 -5.70 9.39 27.52
C ILE B 560 -4.65 10.48 27.54
N SER B 561 -4.47 11.16 26.42
CA SER B 561 -3.55 12.27 26.37
C SER B 561 -4.44 13.47 26.20
N SER B 562 -4.30 14.48 27.04
CA SER B 562 -5.22 15.61 26.97
C SER B 562 -4.58 16.98 26.89
N VAL B 563 -5.24 17.90 26.19
CA VAL B 563 -4.75 19.26 26.11
C VAL B 563 -5.87 20.15 26.65
N LYS B 564 -5.57 21.06 27.56
CA LYS B 564 -6.60 21.98 28.02
C LYS B 564 -6.22 23.39 27.64
N SER B 565 -7.05 24.03 26.83
CA SER B 565 -6.79 25.41 26.40
C SER B 565 -5.40 25.57 25.81
N GLY B 566 -4.97 24.59 25.03
CA GLY B 566 -3.64 24.64 24.43
C GLY B 566 -2.49 24.18 25.30
N THR B 567 -2.78 23.70 26.50
CA THR B 567 -1.73 23.27 27.42
C THR B 567 -1.81 21.78 27.70
N GLN B 568 -0.69 21.08 27.53
CA GLN B 568 -0.68 19.65 27.75
C GLN B 568 -0.95 19.30 29.19
N GLN B 569 -1.71 18.23 29.41
CA GLN B 569 -2.02 17.82 30.76
C GLN B 569 -1.35 16.49 30.98
N ALA B 570 -1.13 16.13 32.24
CA ALA B 570 -0.45 14.87 32.54
C ALA B 570 -1.27 13.69 32.04
N HIS B 571 -0.59 12.67 31.54
CA HIS B 571 -1.29 11.53 30.97
C HIS B 571 -2.16 10.85 32.00
N TYR B 572 -3.37 10.52 31.60
CA TYR B 572 -4.29 9.88 32.52
C TYR B 572 -4.59 8.50 31.97
N TRP B 573 -4.52 7.49 32.81
CA TRP B 573 -4.89 6.17 32.34
C TRP B 573 -6.30 5.90 32.79
N MET B 574 -7.22 5.83 31.84
CA MET B 574 -8.59 5.53 32.18
C MET B 574 -8.71 4.09 32.57
N PRO B 575 -9.44 3.82 33.65
CA PRO B 575 -9.69 2.43 34.02
C PRO B 575 -10.75 1.84 33.11
N ASP B 576 -10.92 0.52 33.11
CA ASP B 576 -12.00 -0.06 32.32
C ASP B 576 -13.30 0.03 33.11
N ASN B 577 -13.79 1.23 33.33
CA ASN B 577 -15.03 1.43 34.05
C ASN B 577 -15.79 2.43 33.22
N ALA B 578 -17.12 2.36 33.22
CA ALA B 578 -17.89 3.24 32.37
C ALA B 578 -17.74 4.72 32.72
N LYS B 579 -17.79 5.06 34.01
CA LYS B 579 -17.74 6.47 34.38
C LYS B 579 -16.71 6.85 35.44
N VAL B 580 -15.92 7.88 35.16
CA VAL B 580 -14.94 8.37 36.13
C VAL B 580 -14.94 9.89 36.12
N GLN B 581 -14.58 10.52 37.23
CA GLN B 581 -14.48 11.98 37.24
C GLN B 581 -13.05 12.44 37.44
N ASN B 582 -12.56 13.28 36.55
CA ASN B 582 -11.22 13.82 36.71
C ASN B 582 -11.23 15.34 36.63
N ASP B 583 -10.58 15.98 37.59
CA ASP B 583 -10.55 17.44 37.63
C ASP B 583 -9.83 18.11 36.46
N LEU B 584 -8.78 17.49 35.95
CA LEU B 584 -8.01 18.10 34.87
C LEU B 584 -8.89 18.32 33.66
N PHE B 585 -9.76 17.38 33.36
CA PHE B 585 -10.68 17.53 32.24
C PHE B 585 -11.66 18.69 32.42
N LYS B 586 -12.10 18.92 33.64
CA LYS B 586 -13.04 20.01 33.90
C LYS B 586 -12.45 21.38 33.55
N THR B 587 -13.22 22.20 32.85
CA THR B 587 -12.77 23.54 32.47
C THR B 587 -13.80 24.58 32.84
N THR B 588 -13.37 25.82 32.99
CA THR B 588 -14.29 26.90 33.33
C THR B 588 -14.21 28.03 32.32
N GLY B 589 -15.36 28.56 31.92
CA GLY B 589 -15.37 29.69 31.01
C GLY B 589 -14.72 29.43 29.66
N ASP B 590 -13.75 30.25 29.30
CA ASP B 590 -13.13 30.13 27.98
C ASP B 590 -12.41 28.82 27.69
N GLU B 591 -11.77 28.22 28.68
CA GLU B 591 -10.97 27.02 28.42
C GLU B 591 -11.74 25.85 27.82
N TRP B 592 -11.08 25.11 26.93
CA TRP B 592 -11.72 23.98 26.25
C TRP B 592 -10.81 22.78 26.44
N VAL B 593 -11.36 21.58 26.31
CA VAL B 593 -10.56 20.38 26.51
C VAL B 593 -10.48 19.49 25.25
N LEU B 594 -9.35 18.84 25.04
CA LEU B 594 -9.17 17.97 23.87
C LEU B 594 -8.65 16.62 24.35
N LEU B 595 -8.94 15.55 23.62
CA LEU B 595 -8.56 14.20 24.07
C LEU B 595 -7.92 13.39 22.95
N ASN B 596 -7.25 12.28 23.29
CA ASN B 596 -6.62 11.40 22.29
C ASN B 596 -5.68 12.11 21.34
N LEU B 597 -4.70 12.81 21.88
CA LEU B 597 -3.82 13.56 21.01
C LEU B 597 -3.10 12.63 20.05
N ASN B 598 -3.13 12.96 18.76
CA ASN B 598 -2.46 12.15 17.72
C ASN B 598 -3.15 10.83 17.43
N VAL B 599 -4.32 10.61 18.01
CA VAL B 599 -5.11 9.38 17.78
C VAL B 599 -4.28 8.12 18.00
N THR B 600 -3.41 8.13 19.01
CA THR B 600 -2.61 6.97 19.30
C THR B 600 -3.51 5.84 19.75
N GLY B 601 -4.49 6.17 20.58
CA GLY B 601 -5.43 5.16 21.02
C GLY B 601 -6.43 4.78 19.97
N TYR B 602 -6.89 3.53 20.00
CA TYR B 602 -7.92 3.09 19.07
C TYR B 602 -9.29 3.42 19.66
N TYR B 603 -9.67 4.70 19.71
CA TYR B 603 -11.01 5.07 20.20
C TYR B 603 -11.63 6.34 19.65
N LEU B 604 -12.96 6.41 19.60
CA LEU B 604 -13.65 7.63 19.17
C LEU B 604 -13.80 8.58 20.36
N VAL B 605 -13.95 9.88 20.11
CA VAL B 605 -14.16 10.84 21.20
C VAL B 605 -15.33 11.79 21.01
N ASN B 606 -16.03 12.11 22.09
CA ASN B 606 -17.16 13.04 22.02
C ASN B 606 -17.03 14.08 23.11
N TYR B 607 -17.63 15.25 22.91
CA TYR B 607 -17.51 16.34 23.87
C TYR B 607 -18.90 16.86 24.16
N ASP B 608 -19.05 17.61 25.23
CA ASP B 608 -20.36 18.21 25.53
C ASP B 608 -20.65 19.31 24.52
N GLN B 609 -21.91 19.66 24.31
CA GLN B 609 -22.26 20.62 23.26
C GLN B 609 -21.62 21.99 23.45
N ASN B 610 -21.56 22.48 24.68
CA ASN B 610 -20.89 23.75 24.94
C ASN B 610 -19.41 23.64 24.58
N ASN B 611 -18.78 22.54 24.94
CA ASN B 611 -17.38 22.33 24.59
C ASN B 611 -17.24 22.24 23.09
N TRP B 612 -18.18 21.58 22.43
CA TRP B 612 -18.08 21.42 21.00
C TRP B 612 -18.12 22.79 20.37
N LYS B 613 -19.01 23.64 20.87
CA LYS B 613 -19.10 24.98 20.34
C LYS B 613 -17.82 25.75 20.59
N LYS B 614 -17.26 25.62 21.79
CA LYS B 614 -16.03 26.31 22.11
C LYS B 614 -14.89 25.83 21.24
N ILE B 615 -14.83 24.51 21.03
CA ILE B 615 -13.78 23.94 20.20
C ILE B 615 -13.95 24.43 18.78
N HIS B 616 -15.19 24.48 18.30
CA HIS B 616 -15.44 24.97 16.96
C HIS B 616 -15.06 26.43 16.84
N THR B 617 -15.39 27.23 17.85
CA THR B 617 -15.04 28.64 17.83
C THR B 617 -13.54 28.81 17.82
N GLN B 618 -12.86 28.01 18.63
CA GLN B 618 -11.42 28.09 18.68
C GLN B 618 -10.90 27.75 17.31
N LEU B 619 -11.47 26.75 16.67
CA LEU B 619 -11.00 26.34 15.37
C LEU B 619 -11.13 27.44 14.34
N GLN B 620 -12.23 28.18 14.36
CA GLN B 620 -12.35 29.30 13.43
C GLN B 620 -11.28 30.36 13.69
N THR B 621 -11.10 30.73 14.96
CA THR B 621 -10.08 31.73 15.28
C THR B 621 -8.64 31.26 15.08
N ASP B 622 -8.32 30.06 15.56
CA ASP B 622 -6.98 29.51 15.39
C ASP B 622 -7.00 28.00 15.29
N LEU B 623 -6.50 27.44 14.20
CA LEU B 623 -6.41 25.99 14.12
C LEU B 623 -5.06 25.53 14.66
N SER B 624 -4.15 26.45 14.91
CA SER B 624 -2.81 26.08 15.34
C SER B 624 -2.72 25.35 16.67
N VAL B 625 -3.54 25.76 17.64
CA VAL B 625 -3.50 25.14 18.95
C VAL B 625 -3.84 23.67 18.83
N ILE B 626 -4.83 23.35 18.00
CA ILE B 626 -5.18 21.96 17.76
C ILE B 626 -4.10 21.30 16.89
N PRO B 627 -3.69 20.07 17.23
CA PRO B 627 -2.73 19.36 16.36
C PRO B 627 -3.38 18.88 15.07
N VAL B 628 -2.59 18.62 14.04
CA VAL B 628 -3.15 18.24 12.74
C VAL B 628 -3.96 16.95 12.78
N ILE B 629 -3.44 15.94 13.46
CA ILE B 629 -4.14 14.68 13.54
C ILE B 629 -5.45 14.89 14.26
N ASN B 630 -5.44 15.69 15.32
CA ASN B 630 -6.66 15.99 16.04
C ASN B 630 -7.68 16.77 15.20
N ARG B 631 -7.21 17.69 14.36
CA ARG B 631 -8.12 18.42 13.49
C ARG B 631 -8.81 17.47 12.54
N ALA B 632 -8.07 16.51 11.97
CA ALA B 632 -8.68 15.52 11.11
C ALA B 632 -9.65 14.71 11.92
N GLN B 633 -9.27 14.39 13.15
CA GLN B 633 -10.12 13.58 13.98
C GLN B 633 -11.45 14.27 14.22
N VAL B 634 -11.49 15.57 14.47
CA VAL B 634 -12.79 16.17 14.73
C VAL B 634 -13.75 16.11 13.53
N ILE B 635 -13.27 16.35 12.31
CA ILE B 635 -14.17 16.21 11.17
C ILE B 635 -14.66 14.79 11.01
N HIS B 636 -13.74 13.83 11.10
CA HIS B 636 -14.11 12.45 10.93
C HIS B 636 -15.07 12.02 12.01
N ASP B 637 -14.78 12.40 13.24
CA ASP B 637 -15.61 11.96 14.35
C ASP B 637 -17.01 12.51 14.25
N THR B 638 -17.15 13.78 13.92
CA THR B 638 -18.48 14.36 13.91
C THR B 638 -19.35 13.68 12.88
N PHE B 639 -18.80 13.42 11.70
CA PHE B 639 -19.56 12.73 10.67
C PHE B 639 -19.95 11.32 11.06
N ASP B 640 -19.05 10.58 11.69
CA ASP B 640 -19.37 9.25 12.14
C ASP B 640 -20.46 9.28 13.20
N LEU B 641 -20.34 10.22 14.13
CA LEU B 641 -21.35 10.36 15.16
C LEU B 641 -22.68 10.76 14.54
N ALA B 642 -22.65 11.61 13.52
CA ALA B 642 -23.88 12.00 12.82
C ALA B 642 -24.57 10.84 12.15
N SER B 643 -23.80 9.92 11.58
CA SER B 643 -24.37 8.73 10.96
C SER B 643 -25.10 7.90 12.00
N ALA B 644 -24.52 7.80 13.18
CA ALA B 644 -25.16 7.06 14.27
C ALA B 644 -26.18 7.94 14.98
N GLN B 645 -26.26 9.22 14.60
CA GLN B 645 -27.22 10.18 15.18
C GLN B 645 -26.89 10.67 16.59
N ILE B 646 -25.68 10.41 17.06
CA ILE B 646 -25.26 10.90 18.36
C ILE B 646 -25.22 12.42 18.34
N VAL B 647 -24.70 12.97 17.27
CA VAL B 647 -24.64 14.42 17.14
C VAL B 647 -25.53 14.82 15.97
N PRO B 648 -26.04 16.05 15.99
CA PRO B 648 -26.89 16.52 14.89
C PRO B 648 -26.14 16.68 13.59
N VAL B 649 -26.85 16.58 12.47
CA VAL B 649 -26.23 16.70 11.17
C VAL B 649 -25.59 18.08 11.03
N THR B 650 -26.23 19.10 11.59
CA THR B 650 -25.69 20.45 11.52
C THR B 650 -24.32 20.58 12.18
N LEU B 651 -24.07 19.89 13.27
CA LEU B 651 -22.76 19.93 13.90
C LEU B 651 -21.68 19.41 12.97
N ALA B 652 -21.97 18.34 12.24
CA ALA B 652 -21.00 17.82 11.28
C ALA B 652 -20.74 18.86 10.21
N LEU B 653 -21.78 19.55 9.77
CA LEU B 653 -21.62 20.62 8.79
C LEU B 653 -20.78 21.76 9.37
N ASN B 654 -20.95 22.04 10.65
CA ASN B 654 -20.16 23.07 11.31
C ASN B 654 -18.68 22.73 11.25
N SER B 655 -18.34 21.45 11.38
CA SER B 655 -16.96 21.04 11.26
C SER B 655 -16.41 21.37 9.89
N THR B 656 -17.22 21.21 8.86
CA THR B 656 -16.76 21.60 7.53
C THR B 656 -16.51 23.10 7.39
N LEU B 657 -17.12 23.92 8.24
CA LEU B 657 -16.97 25.36 8.12
C LEU B 657 -15.54 25.87 8.28
N PHE B 658 -14.77 25.30 9.20
CA PHE B 658 -13.38 25.71 9.39
C PHE B 658 -12.44 25.28 8.28
N LEU B 659 -12.91 24.43 7.37
CA LEU B 659 -12.08 23.94 6.28
C LEU B 659 -11.63 25.04 5.37
N ASN B 660 -12.37 26.14 5.36
CA ASN B 660 -12.00 27.27 4.53
C ASN B 660 -10.63 27.69 4.98
N GLN B 661 -10.41 27.79 6.28
CA GLN B 661 -9.07 28.08 6.80
C GLN B 661 -8.06 26.94 6.60
N GLU B 662 -8.49 25.70 6.79
CA GLU B 662 -7.56 24.57 6.73
C GLU B 662 -6.90 24.32 5.38
N THR B 663 -5.60 24.07 5.37
CA THR B 663 -4.89 23.76 4.13
C THR B 663 -4.25 22.37 4.19
N GLU B 664 -4.26 21.73 5.36
CA GLU B 664 -3.62 20.42 5.51
C GLU B 664 -4.33 19.26 4.85
N TYR B 665 -3.56 18.27 4.38
CA TYR B 665 -4.15 17.13 3.70
C TYR B 665 -5.07 16.27 4.54
N MET B 666 -4.67 15.93 5.75
CA MET B 666 -5.49 15.00 6.53
C MET B 666 -6.92 15.45 6.89
N PRO B 667 -7.10 16.70 7.35
CA PRO B 667 -8.50 17.08 7.60
C PRO B 667 -9.34 17.10 6.33
N TRP B 668 -8.78 17.61 5.24
CA TRP B 668 -9.52 17.69 3.99
C TRP B 668 -9.90 16.32 3.48
N GLU B 669 -8.98 15.37 3.57
CA GLU B 669 -9.25 14.02 3.08
C GLU B 669 -10.39 13.38 3.84
N ALA B 670 -10.39 13.57 5.15
CA ALA B 670 -11.43 12.96 5.96
C ALA B 670 -12.78 13.52 5.56
N ALA B 671 -12.84 14.83 5.33
CA ALA B 671 -14.09 15.45 4.94
C ALA B 671 -14.61 14.96 3.60
N LEU B 672 -13.72 14.82 2.62
CA LEU B 672 -14.15 14.41 1.30
C LEU B 672 -14.76 13.03 1.33
N SER B 673 -14.14 12.13 2.08
CA SER B 673 -14.64 10.77 2.19
C SER B 673 -16.02 10.75 2.80
N SER B 674 -16.23 11.55 3.84
CA SER B 674 -17.53 11.63 4.47
C SER B 674 -18.60 12.19 3.55
N LEU B 675 -18.24 13.18 2.75
CA LEU B 675 -19.20 13.83 1.85
C LEU B 675 -19.64 12.98 0.66
N SER B 676 -18.92 11.89 0.38
CA SER B 676 -19.28 11.02 -0.73
C SER B 676 -20.67 10.40 -0.58
N TYR B 677 -21.04 10.00 0.63
CA TYR B 677 -22.37 9.46 0.85
C TYR B 677 -23.42 10.49 0.50
N PHE B 678 -23.19 11.74 0.90
CA PHE B 678 -24.13 12.80 0.61
C PHE B 678 -24.26 12.98 -0.89
N LYS B 679 -23.14 12.93 -1.59
CA LYS B 679 -23.19 13.14 -3.03
C LYS B 679 -24.01 12.07 -3.71
N LEU B 680 -23.83 10.82 -3.32
CA LEU B 680 -24.57 9.74 -3.95
C LEU B 680 -26.06 9.86 -3.70
N MET B 681 -26.43 10.14 -2.46
CA MET B 681 -27.84 10.28 -2.13
C MET B 681 -28.53 11.46 -2.76
N PHE B 682 -27.86 12.61 -2.82
CA PHE B 682 -28.51 13.83 -3.31
C PHE B 682 -28.19 14.27 -4.73
N ASP B 683 -27.47 13.46 -5.49
CA ASP B 683 -27.06 13.89 -6.83
C ASP B 683 -28.24 14.15 -7.73
N ARG B 684 -29.25 13.29 -7.68
CA ARG B 684 -30.44 13.47 -8.49
C ARG B 684 -31.50 14.33 -7.82
N SER B 685 -31.34 14.61 -6.53
CA SER B 685 -32.30 15.43 -5.79
C SER B 685 -32.13 16.94 -5.96
N GLU B 686 -33.13 17.71 -5.53
CA GLU B 686 -33.04 19.18 -5.59
C GLU B 686 -31.97 19.76 -4.68
N VAL B 687 -31.58 19.03 -3.63
CA VAL B 687 -30.58 19.50 -2.68
C VAL B 687 -29.22 19.72 -3.32
N TYR B 688 -28.96 19.08 -4.45
CA TYR B 688 -27.64 19.17 -5.04
C TYR B 688 -27.21 20.59 -5.37
N GLY B 689 -28.10 21.42 -5.90
CA GLY B 689 -27.68 22.76 -6.28
C GLY B 689 -27.18 23.62 -5.15
N PRO B 690 -27.90 23.68 -4.02
CA PRO B 690 -27.37 24.42 -2.87
C PRO B 690 -26.08 23.80 -2.34
N MET B 691 -26.00 22.47 -2.32
CA MET B 691 -24.83 21.78 -1.79
C MET B 691 -23.61 22.14 -2.61
N LYS B 692 -23.78 22.23 -3.92
CA LYS B 692 -22.67 22.55 -4.78
C LYS B 692 -22.13 23.93 -4.44
N ASN B 693 -23.02 24.89 -4.20
CA ASN B 693 -22.58 26.24 -3.88
C ASN B 693 -21.78 26.32 -2.59
N TYR B 694 -22.24 25.61 -1.56
CA TYR B 694 -21.53 25.62 -0.29
C TYR B 694 -20.15 25.03 -0.47
N LEU B 695 -20.09 23.93 -1.19
CA LEU B 695 -18.82 23.27 -1.41
C LEU B 695 -17.89 24.14 -2.21
N ARG B 696 -18.41 24.86 -3.19
CA ARG B 696 -17.58 25.70 -4.02
C ARG B 696 -16.91 26.74 -3.17
N LYS B 697 -17.66 27.31 -2.24
CA LYS B 697 -17.11 28.33 -1.36
C LYS B 697 -16.00 27.80 -0.45
N GLN B 698 -16.20 26.62 0.14
CA GLN B 698 -15.15 26.03 0.96
C GLN B 698 -13.91 25.62 0.17
N VAL B 699 -14.11 25.04 -1.00
CA VAL B 699 -13.00 24.59 -1.85
C VAL B 699 -12.13 25.70 -2.42
N THR B 700 -12.74 26.82 -2.78
CA THR B 700 -11.96 27.86 -3.48
C THR B 700 -10.71 28.42 -2.81
N PRO B 701 -10.74 28.70 -1.49
CA PRO B 701 -9.47 29.16 -0.92
C PRO B 701 -8.39 28.10 -1.02
N LEU B 702 -8.72 26.83 -0.77
CA LEU B 702 -7.74 25.76 -0.86
C LEU B 702 -7.20 25.63 -2.27
N PHE B 703 -8.07 25.73 -3.27
CA PHE B 703 -7.61 25.66 -4.65
C PHE B 703 -6.68 26.80 -4.93
N ASN B 704 -7.04 28.00 -4.49
CA ASN B 704 -6.19 29.16 -4.70
C ASN B 704 -4.87 29.07 -3.96
N HIS B 705 -4.90 28.57 -2.74
CA HIS B 705 -3.69 28.44 -1.95
C HIS B 705 -2.79 27.45 -2.64
N PHE B 706 -3.37 26.36 -3.11
CA PHE B 706 -2.58 25.34 -3.77
C PHE B 706 -2.00 25.89 -5.04
N GLU B 707 -2.77 26.67 -5.77
CA GLU B 707 -2.28 27.22 -7.00
C GLU B 707 -1.09 28.11 -6.69
N LYS B 708 -1.20 28.92 -5.65
CA LYS B 708 -0.07 29.77 -5.27
C LYS B 708 1.17 29.01 -4.81
N ILE B 709 1.01 27.97 -3.97
CA ILE B 709 2.16 27.17 -3.55
C ILE B 709 2.80 26.38 -4.68
N THR B 710 1.99 25.88 -5.60
CA THR B 710 2.50 25.06 -6.68
C THR B 710 2.86 25.88 -7.89
N GLN B 711 2.85 27.21 -7.75
CA GLN B 711 3.21 28.09 -8.86
C GLN B 711 2.34 27.74 -10.05
N ASN B 712 1.03 27.78 -9.88
CA ASN B 712 0.10 27.41 -10.95
C ASN B 712 0.26 25.99 -11.44
N TRP B 713 0.32 25.04 -10.51
CA TRP B 713 0.43 23.60 -10.84
C TRP B 713 1.64 23.03 -11.55
N THR B 714 2.82 23.58 -11.33
CA THR B 714 4.00 22.93 -11.90
C THR B 714 4.99 22.51 -10.82
N ASP B 715 5.04 23.25 -9.72
CA ASP B 715 5.94 22.88 -8.63
C ASP B 715 5.19 21.94 -7.71
N HIS B 716 5.04 20.70 -8.13
CA HIS B 716 4.29 19.75 -7.34
C HIS B 716 5.02 19.53 -6.03
N PRO B 717 4.26 19.46 -4.93
CA PRO B 717 4.91 19.35 -3.62
C PRO B 717 5.70 18.05 -3.45
N GLN B 718 6.92 18.15 -2.91
CA GLN B 718 7.73 16.96 -2.67
C GLN B 718 7.17 15.99 -1.63
N THR B 719 6.62 16.53 -0.55
CA THR B 719 6.08 15.68 0.51
C THR B 719 4.92 14.86 0.02
N LEU B 720 4.84 13.61 0.46
CA LEU B 720 3.78 12.72 0.01
C LEU B 720 2.40 13.21 0.37
N THR B 721 2.22 13.68 1.60
CA THR B 721 0.91 14.14 2.04
C THR B 721 0.49 15.34 1.24
N GLU B 722 1.42 16.25 1.02
CA GLU B 722 1.13 17.45 0.25
C GLU B 722 0.79 17.13 -1.20
N GLN B 723 1.48 16.16 -1.78
CA GLN B 723 1.20 15.76 -3.15
C GLN B 723 -0.21 15.21 -3.25
N TYR B 724 -0.61 14.42 -2.26
CA TYR B 724 -1.95 13.84 -2.26
C TYR B 724 -3.02 14.91 -2.22
N ASN B 725 -2.81 15.94 -1.41
CA ASN B 725 -3.77 17.04 -1.35
C ASN B 725 -3.87 17.82 -2.65
N GLU B 726 -2.78 17.92 -3.40
CA GLU B 726 -2.82 18.61 -4.68
C GLU B 726 -3.82 17.92 -5.58
N ILE B 727 -3.82 16.59 -5.60
CA ILE B 727 -4.80 15.86 -6.39
C ILE B 727 -6.21 16.10 -5.87
N ASN B 728 -6.38 16.12 -4.55
CA ASN B 728 -7.71 16.30 -3.99
C ASN B 728 -8.29 17.64 -4.40
N ALA B 729 -7.48 18.68 -4.36
CA ALA B 729 -7.98 20.00 -4.67
C ALA B 729 -8.47 20.08 -6.10
N VAL B 730 -7.69 19.55 -7.05
CA VAL B 730 -8.08 19.65 -8.44
C VAL B 730 -9.39 18.90 -8.67
N SER B 731 -9.48 17.69 -8.14
CA SER B 731 -10.68 16.90 -8.41
C SER B 731 -11.96 17.50 -7.85
N THR B 732 -11.91 17.95 -6.59
CA THR B 732 -13.10 18.51 -5.96
C THR B 732 -13.53 19.79 -6.65
N ALA B 733 -12.56 20.61 -7.01
CA ALA B 733 -12.88 21.88 -7.64
C ALA B 733 -13.57 21.66 -8.96
N CYS B 734 -13.09 20.73 -9.75
CA CYS B 734 -13.73 20.45 -11.01
C CYS B 734 -15.13 19.87 -10.85
N THR B 735 -15.32 18.99 -9.88
CA THR B 735 -16.62 18.37 -9.68
C THR B 735 -17.70 19.39 -9.33
N TYR B 736 -17.39 20.33 -8.44
CA TYR B 736 -18.36 21.35 -8.10
C TYR B 736 -17.89 22.73 -8.53
N GLY B 737 -18.53 23.30 -9.54
CA GLY B 737 -18.21 24.66 -9.94
C GLY B 737 -16.76 24.96 -10.25
N VAL B 738 -16.22 26.02 -9.66
CA VAL B 738 -14.81 26.40 -9.87
C VAL B 738 -14.38 26.50 -11.32
N PRO B 739 -14.78 27.59 -11.99
CA PRO B 739 -14.50 27.73 -13.43
C PRO B 739 -13.02 27.63 -13.80
N LYS B 740 -12.14 28.09 -12.93
CA LYS B 740 -10.71 28.01 -13.18
C LYS B 740 -10.26 26.57 -13.37
N CYS B 741 -10.82 25.63 -12.60
CA CYS B 741 -10.42 24.23 -12.71
C CYS B 741 -10.72 23.72 -14.10
N LYS B 742 -11.88 24.09 -14.63
CA LYS B 742 -12.26 23.61 -15.96
C LYS B 742 -11.29 24.08 -17.01
N ASP B 743 -10.81 25.31 -16.90
CA ASP B 743 -9.86 25.82 -17.87
C ASP B 743 -8.59 24.99 -17.84
N LEU B 744 -8.12 24.66 -16.65
CA LEU B 744 -6.90 23.88 -16.53
C LEU B 744 -7.04 22.50 -17.16
N VAL B 745 -8.15 21.83 -16.89
CA VAL B 745 -8.36 20.49 -17.40
C VAL B 745 -8.41 20.52 -18.92
N SER B 746 -9.11 21.49 -19.47
CA SER B 746 -9.24 21.56 -20.91
C SER B 746 -7.90 21.77 -21.60
N THR B 747 -7.08 22.65 -21.05
CA THR B 747 -5.78 22.91 -21.64
C THR B 747 -4.91 21.67 -21.61
N LEU B 748 -4.93 20.96 -20.48
CA LEU B 748 -4.10 19.78 -20.35
C LEU B 748 -4.48 18.67 -21.32
N PHE B 749 -5.77 18.41 -21.48
CA PHE B 749 -6.20 17.39 -22.44
C PHE B 749 -5.86 17.75 -23.86
N ALA B 750 -6.02 19.02 -24.21
CA ALA B 750 -5.70 19.45 -25.55
C ALA B 750 -4.23 19.19 -25.80
N GLU B 751 -3.40 19.47 -24.81
CA GLU B 751 -1.97 19.23 -24.94
C GLU B 751 -1.68 17.76 -25.16
N TRP B 752 -2.39 16.88 -24.46
CA TRP B 752 -2.20 15.45 -24.65
C TRP B 752 -2.56 14.99 -26.06
N ARG B 753 -3.64 15.53 -26.62
CA ARG B 753 -4.07 15.08 -27.93
C ARG B 753 -3.01 15.36 -28.96
N LYS B 754 -2.38 16.53 -28.91
CA LYS B 754 -1.27 16.77 -29.81
C LYS B 754 -0.12 15.91 -29.30
N ASN B 755 0.62 15.27 -30.20
CA ASN B 755 1.71 14.38 -29.77
C ASN B 755 1.27 13.37 -28.71
N PRO B 756 0.28 12.52 -29.01
CA PRO B 756 -0.28 11.62 -27.98
C PRO B 756 0.69 10.62 -27.35
N GLN B 757 1.68 10.15 -28.09
CA GLN B 757 2.59 9.12 -27.56
C GLN B 757 3.34 9.58 -26.31
N ASN B 758 3.82 10.82 -26.29
CA ASN B 758 4.46 11.33 -25.08
C ASN B 758 3.34 11.93 -24.24
N ASN B 759 3.37 11.72 -22.94
CA ASN B 759 2.28 12.20 -22.11
C ASN B 759 2.68 13.45 -21.35
N PRO B 760 2.10 14.59 -21.71
CA PRO B 760 2.37 15.83 -20.98
C PRO B 760 1.85 15.79 -19.56
N ILE B 761 0.68 15.20 -19.34
CA ILE B 761 0.08 15.23 -18.02
C ILE B 761 0.88 14.58 -16.92
N TYR B 762 0.92 15.21 -15.76
CA TYR B 762 1.62 14.66 -14.61
C TYR B 762 0.92 13.37 -14.22
N PRO B 763 1.67 12.34 -13.83
CA PRO B 763 1.06 11.04 -13.54
C PRO B 763 0.02 11.05 -12.43
N ASN B 764 0.28 11.81 -11.37
CA ASN B 764 -0.68 11.90 -10.29
C ASN B 764 -1.97 12.52 -10.79
N LEU B 765 -1.86 13.52 -11.66
CA LEU B 765 -3.04 14.22 -12.17
C LEU B 765 -3.63 13.65 -13.46
N ARG B 766 -3.06 12.57 -13.99
CA ARG B 766 -3.53 12.05 -15.26
C ARG B 766 -4.98 11.62 -15.25
N SER B 767 -5.38 10.91 -14.21
CA SER B 767 -6.75 10.38 -14.19
C SER B 767 -7.83 11.45 -14.20
N THR B 768 -7.63 12.50 -13.41
CA THR B 768 -8.67 13.54 -13.31
C THR B 768 -8.89 14.24 -14.63
N VAL B 769 -7.81 14.59 -15.31
CA VAL B 769 -7.94 15.31 -16.56
C VAL B 769 -8.66 14.45 -17.59
N TYR B 770 -8.31 13.18 -17.65
CA TYR B 770 -8.90 12.33 -18.68
C TYR B 770 -10.40 12.22 -18.50
N CYS B 771 -10.86 11.95 -17.29
CA CYS B 771 -12.28 11.76 -17.07
C CYS B 771 -13.07 13.03 -17.32
N ASN B 772 -12.58 14.14 -16.82
CA ASN B 772 -13.32 15.38 -16.96
C ASN B 772 -13.45 15.76 -18.41
N ALA B 773 -12.39 15.59 -19.18
CA ALA B 773 -12.42 15.94 -20.58
C ALA B 773 -13.41 15.12 -21.36
N ILE B 774 -13.49 13.83 -21.07
CA ILE B 774 -14.47 12.97 -21.74
C ILE B 774 -15.90 13.40 -21.42
N ALA B 775 -16.17 13.75 -20.17
CA ALA B 775 -17.50 14.20 -19.80
C ALA B 775 -17.89 15.47 -20.53
N GLN B 776 -16.99 16.46 -20.58
CA GLN B 776 -17.25 17.67 -21.33
C GLN B 776 -17.33 17.36 -22.82
N GLY B 777 -16.44 16.50 -23.28
CA GLY B 777 -16.36 16.18 -24.69
C GLY B 777 -17.38 15.32 -25.38
N GLY B 778 -17.38 15.36 -26.71
CA GLY B 778 -18.29 14.55 -27.50
C GLY B 778 -17.74 13.19 -27.87
N GLU B 779 -18.30 12.61 -28.94
CA GLU B 779 -17.87 11.29 -29.38
C GLU B 779 -16.40 11.24 -29.76
N GLU B 780 -15.89 12.31 -30.35
CA GLU B 780 -14.51 12.30 -30.81
C GLU B 780 -13.57 12.04 -29.64
N GLU B 781 -13.86 12.63 -28.48
CA GLU B 781 -13.03 12.39 -27.31
C GLU B 781 -13.05 10.93 -26.89
N TRP B 782 -14.22 10.31 -26.90
CA TRP B 782 -14.34 8.92 -26.49
C TRP B 782 -13.53 8.03 -27.42
N ASN B 783 -13.61 8.27 -28.72
CA ASN B 783 -12.90 7.44 -29.68
C ASN B 783 -11.39 7.49 -29.51
N PHE B 784 -10.86 8.69 -29.27
CA PHE B 784 -9.42 8.84 -29.14
C PHE B 784 -8.94 8.03 -27.95
N VAL B 785 -9.66 8.12 -26.85
CA VAL B 785 -9.29 7.35 -25.67
C VAL B 785 -9.41 5.84 -25.90
N TRP B 786 -10.44 5.39 -26.62
CA TRP B 786 -10.62 3.96 -26.87
C TRP B 786 -9.45 3.41 -27.66
N GLU B 787 -9.00 4.16 -28.66
CA GLU B 787 -7.89 3.71 -29.48
C GLU B 787 -6.65 3.55 -28.61
N GLN B 788 -6.41 4.51 -27.73
CA GLN B 788 -5.26 4.44 -26.84
C GLN B 788 -5.36 3.26 -25.89
N PHE B 789 -6.56 2.96 -25.40
CA PHE B 789 -6.71 1.88 -24.43
C PHE B 789 -6.29 0.55 -25.04
N ARG B 790 -6.70 0.27 -26.27
CA ARG B 790 -6.28 -0.95 -26.94
C ARG B 790 -4.79 -0.96 -27.21
N ASN B 791 -4.25 0.15 -27.66
CA ASN B 791 -2.84 0.24 -28.01
C ASN B 791 -1.85 0.07 -26.85
N THR B 792 -2.15 0.63 -25.69
CA THR B 792 -1.16 0.61 -24.61
C THR B 792 -0.75 -0.73 -24.03
N SER B 793 0.55 -0.99 -24.02
CA SER B 793 1.06 -2.22 -23.41
C SER B 793 0.97 -2.22 -21.88
N LEU B 794 1.28 -1.10 -21.25
CA LEU B 794 1.31 -1.06 -19.79
C LEU B 794 -0.05 -1.28 -19.18
N VAL B 795 -0.11 -2.13 -18.16
CA VAL B 795 -1.37 -2.37 -17.49
C VAL B 795 -1.87 -1.12 -16.80
N ASN B 796 -0.97 -0.38 -16.16
CA ASN B 796 -1.39 0.81 -15.42
C ASN B 796 -1.99 1.87 -16.33
N GLU B 797 -1.35 2.13 -17.46
CA GLU B 797 -1.86 3.11 -18.39
C GLU B 797 -3.20 2.69 -18.96
N ALA B 798 -3.32 1.40 -19.30
CA ALA B 798 -4.56 0.89 -19.85
C ALA B 798 -5.68 1.05 -18.85
N ASP B 799 -5.39 0.81 -17.59
CA ASP B 799 -6.40 0.96 -16.55
C ASP B 799 -6.91 2.40 -16.45
N LYS B 800 -6.00 3.38 -16.55
CA LYS B 800 -6.42 4.77 -16.49
C LYS B 800 -7.34 5.11 -17.65
N LEU B 801 -6.99 4.65 -18.83
CA LEU B 801 -7.80 4.93 -20.01
C LEU B 801 -9.17 4.29 -19.89
N ARG B 802 -9.22 3.09 -19.33
CA ARG B 802 -10.47 2.38 -19.19
C ARG B 802 -11.45 3.13 -18.29
N SER B 803 -10.95 3.72 -17.21
CA SER B 803 -11.81 4.51 -16.33
C SER B 803 -12.38 5.74 -17.03
N ALA B 804 -11.56 6.40 -17.84
CA ALA B 804 -11.99 7.61 -18.56
C ALA B 804 -13.14 7.38 -19.52
N LEU B 805 -13.18 6.24 -20.18
CA LEU B 805 -14.21 5.97 -21.19
C LEU B 805 -15.61 6.04 -20.61
N ALA B 806 -15.79 5.56 -19.39
CA ALA B 806 -17.10 5.58 -18.74
C ALA B 806 -17.68 6.97 -18.49
N CYS B 807 -16.84 7.99 -18.37
CA CYS B 807 -17.30 9.33 -18.04
C CYS B 807 -18.20 10.05 -19.06
N SER B 808 -18.22 9.62 -20.32
CA SER B 808 -18.99 10.35 -21.35
C SER B 808 -20.46 10.57 -21.09
N THR B 809 -20.92 11.78 -21.33
CA THR B 809 -22.32 12.14 -21.10
C THR B 809 -23.41 11.49 -21.96
N GLN B 810 -23.16 11.36 -23.26
CA GLN B 810 -24.21 10.86 -24.16
C GLN B 810 -24.68 9.42 -23.93
N VAL B 811 -25.98 9.21 -23.97
CA VAL B 811 -26.54 7.88 -23.72
C VAL B 811 -26.11 6.83 -24.73
N TRP B 812 -26.11 7.18 -26.00
CA TRP B 812 -25.74 6.24 -27.04
C TRP B 812 -24.29 5.76 -26.91
N ILE B 813 -23.38 6.66 -26.56
CA ILE B 813 -21.98 6.31 -26.44
C ILE B 813 -21.81 5.26 -25.37
N LEU B 814 -22.49 5.45 -24.25
CA LEU B 814 -22.38 4.51 -23.16
C LEU B 814 -22.87 3.14 -23.56
N ASN B 815 -23.97 3.08 -24.31
CA ASN B 815 -24.49 1.80 -24.78
C ASN B 815 -23.53 1.07 -25.70
N ARG B 816 -22.85 1.80 -26.59
CA ARG B 816 -21.87 1.18 -27.46
C ARG B 816 -20.74 0.58 -26.65
N TYR B 817 -20.31 1.30 -25.61
CA TYR B 817 -19.26 0.79 -24.73
C TYR B 817 -19.69 -0.49 -24.02
N LEU B 818 -20.94 -0.53 -23.57
CA LEU B 818 -21.42 -1.71 -22.86
C LEU B 818 -21.38 -2.92 -23.77
N SER B 819 -21.75 -2.75 -25.03
CA SER B 819 -21.70 -3.84 -26.01
C SER B 819 -20.27 -4.31 -26.27
N TYR B 820 -19.31 -3.38 -26.27
CA TYR B 820 -17.92 -3.72 -26.55
C TYR B 820 -17.38 -4.72 -25.56
N THR B 821 -17.80 -4.62 -24.31
CA THR B 821 -17.26 -5.49 -23.28
C THR B 821 -17.45 -6.98 -23.53
N LEU B 822 -18.60 -7.39 -24.05
CA LEU B 822 -18.86 -8.82 -24.23
C LEU B 822 -17.86 -9.47 -25.18
N ASN B 823 -17.51 -8.79 -26.26
CA ASN B 823 -16.55 -9.33 -27.20
C ASN B 823 -15.19 -9.48 -26.54
N PRO B 824 -14.56 -10.67 -26.67
CA PRO B 824 -13.27 -10.92 -26.04
C PRO B 824 -12.12 -10.06 -26.54
N GLU B 825 -12.07 -9.82 -27.85
CA GLU B 825 -10.95 -9.06 -28.39
C GLU B 825 -10.90 -7.64 -27.87
N PHE B 826 -12.07 -7.00 -27.80
CA PHE B 826 -12.11 -5.62 -27.36
C PHE B 826 -11.68 -5.46 -25.91
N ILE B 827 -12.21 -6.29 -25.03
CA ILE B 827 -11.89 -6.20 -23.61
C ILE B 827 -11.55 -7.57 -23.03
N ARG B 828 -10.45 -7.67 -22.31
CA ARG B 828 -10.07 -8.94 -21.67
C ARG B 828 -11.04 -9.31 -20.57
N LYS B 829 -11.17 -10.59 -20.26
CA LYS B 829 -12.17 -11.01 -19.29
C LYS B 829 -12.01 -10.43 -17.90
N GLN B 830 -10.79 -10.38 -17.40
CA GLN B 830 -10.55 -9.80 -16.09
C GLN B 830 -10.92 -8.33 -16.11
N ASP B 831 -10.59 -7.64 -17.19
CA ASP B 831 -10.91 -6.23 -17.33
C ASP B 831 -12.40 -5.93 -17.38
N VAL B 832 -13.22 -6.85 -17.88
CA VAL B 832 -14.64 -6.56 -18.07
C VAL B 832 -15.37 -6.16 -16.79
N ILE B 833 -15.10 -6.81 -15.67
CA ILE B 833 -15.82 -6.48 -14.45
C ILE B 833 -15.56 -5.02 -14.07
N SER B 834 -14.31 -4.59 -14.19
CA SER B 834 -13.96 -3.21 -13.86
C SER B 834 -14.68 -2.20 -14.74
N THR B 835 -14.79 -2.48 -16.04
CA THR B 835 -15.46 -1.54 -16.94
C THR B 835 -16.90 -1.33 -16.54
N LEU B 836 -17.59 -2.41 -16.18
CA LEU B 836 -18.98 -2.29 -15.81
C LEU B 836 -19.16 -1.45 -14.55
N SER B 837 -18.25 -1.61 -13.60
CA SER B 837 -18.33 -0.81 -12.38
C SER B 837 -18.20 0.68 -12.65
N SER B 838 -17.28 1.07 -13.52
CA SER B 838 -17.13 2.49 -13.87
C SER B 838 -18.34 3.09 -14.59
N ILE B 839 -18.98 2.31 -15.48
CA ILE B 839 -20.17 2.79 -16.17
C ILE B 839 -21.30 3.07 -15.18
N ALA B 840 -21.44 2.22 -14.18
CA ALA B 840 -22.46 2.43 -13.16
C ALA B 840 -22.20 3.74 -12.42
N SER B 841 -20.94 4.07 -12.20
CA SER B 841 -20.59 5.31 -11.51
C SER B 841 -21.06 6.59 -12.20
N ASN B 842 -21.01 6.65 -13.53
CA ASN B 842 -21.53 7.82 -14.23
C ASN B 842 -23.02 7.92 -13.96
N VAL B 843 -23.51 9.10 -13.62
CA VAL B 843 -24.93 9.25 -13.27
C VAL B 843 -25.86 8.96 -14.44
N ILE B 844 -25.52 9.47 -15.64
CA ILE B 844 -26.31 9.17 -16.82
C ILE B 844 -26.20 7.69 -17.12
N GLY B 845 -25.00 7.15 -16.97
CA GLY B 845 -24.77 5.75 -17.24
C GLY B 845 -25.39 4.76 -16.28
N GLN B 846 -25.79 5.20 -15.09
CA GLN B 846 -26.27 4.24 -14.11
C GLN B 846 -27.49 3.45 -14.58
N SER B 847 -28.45 4.13 -15.18
CA SER B 847 -29.63 3.46 -15.68
C SER B 847 -29.30 2.49 -16.79
N LEU B 848 -28.46 2.92 -17.71
CA LEU B 848 -28.11 2.09 -18.86
C LEU B 848 -27.38 0.84 -18.43
N ALA B 849 -26.46 0.98 -17.49
CA ALA B 849 -25.70 -0.15 -17.01
C ALA B 849 -26.61 -1.15 -16.35
N TRP B 850 -27.58 -0.67 -15.58
CA TRP B 850 -28.46 -1.57 -14.86
C TRP B 850 -29.25 -2.42 -15.85
N ASP B 851 -29.76 -1.80 -16.91
CA ASP B 851 -30.48 -2.56 -17.93
C ASP B 851 -29.63 -3.58 -18.66
N PHE B 852 -28.41 -3.19 -19.00
CA PHE B 852 -27.52 -4.09 -19.73
C PHE B 852 -27.23 -5.28 -18.87
N ILE B 853 -27.03 -5.04 -17.58
CA ILE B 853 -26.70 -6.12 -16.70
C ILE B 853 -27.84 -7.14 -16.64
N GLN B 854 -29.08 -6.68 -16.57
CA GLN B 854 -30.19 -7.62 -16.59
C GLN B 854 -30.31 -8.43 -17.88
N SER B 855 -30.18 -7.76 -19.02
CA SER B 855 -30.29 -8.43 -20.32
C SER B 855 -29.19 -9.43 -20.63
N ASN B 856 -27.95 -9.10 -20.27
CA ASN B 856 -26.83 -9.95 -20.61
C ASN B 856 -26.34 -10.73 -19.41
N TRP B 857 -27.20 -10.93 -18.43
CA TRP B 857 -26.76 -11.57 -17.21
C TRP B 857 -26.20 -12.96 -17.40
N LYS B 858 -26.85 -13.78 -18.20
CA LYS B 858 -26.41 -15.16 -18.31
C LYS B 858 -25.00 -15.30 -18.85
N LYS B 859 -24.67 -14.55 -19.90
CA LYS B 859 -23.35 -14.67 -20.51
C LYS B 859 -22.26 -14.26 -19.54
N LEU B 860 -22.47 -13.16 -18.84
CA LEU B 860 -21.51 -12.71 -17.85
C LEU B 860 -21.41 -13.68 -16.68
N PHE B 861 -22.54 -14.21 -16.25
CA PHE B 861 -22.56 -15.12 -15.10
C PHE B 861 -21.75 -16.38 -15.39
N GLU B 862 -21.86 -16.91 -16.59
CA GLU B 862 -21.11 -18.11 -16.91
C GLU B 862 -19.62 -17.81 -16.83
N ASP B 863 -19.20 -16.69 -17.39
CA ASP B 863 -17.80 -16.31 -17.32
C ASP B 863 -17.24 -15.94 -15.94
N TYR B 864 -17.97 -15.14 -15.16
CA TYR B 864 -17.41 -14.65 -13.89
C TYR B 864 -18.08 -15.09 -12.61
N GLY B 865 -19.33 -15.53 -12.68
CA GLY B 865 -19.97 -16.06 -11.48
C GLY B 865 -19.17 -17.29 -11.12
N THR B 866 -18.82 -18.08 -12.12
CA THR B 866 -17.98 -19.23 -11.86
C THR B 866 -16.55 -18.72 -11.73
N GLY B 867 -15.81 -19.26 -10.77
CA GLY B 867 -14.44 -18.85 -10.57
C GLY B 867 -14.29 -17.60 -9.73
N SER B 868 -15.40 -17.05 -9.24
CA SER B 868 -15.37 -15.89 -8.33
C SER B 868 -14.56 -14.68 -8.82
N PHE B 869 -14.74 -14.31 -10.09
CA PHE B 869 -13.97 -13.19 -10.62
C PHE B 869 -14.65 -11.86 -10.33
N SER B 870 -14.69 -11.46 -9.06
CA SER B 870 -15.27 -10.17 -8.66
C SER B 870 -16.72 -9.98 -9.07
N PHE B 871 -17.48 -11.07 -9.12
CA PHE B 871 -18.89 -10.94 -9.43
C PHE B 871 -19.60 -10.20 -8.33
N SER B 872 -19.22 -10.47 -7.09
CA SER B 872 -19.80 -9.77 -5.97
C SER B 872 -19.53 -8.29 -6.07
N ASN B 873 -18.31 -7.93 -6.48
CA ASN B 873 -17.96 -6.52 -6.62
C ASN B 873 -18.81 -5.83 -7.66
N LEU B 874 -19.11 -6.52 -8.76
CA LEU B 874 -19.96 -5.95 -9.78
C LEU B 874 -21.36 -5.63 -9.26
N ILE B 875 -21.95 -6.53 -8.48
CA ILE B 875 -23.25 -6.27 -7.91
C ILE B 875 -23.17 -5.09 -6.97
N GLN B 876 -22.10 -5.01 -6.20
CA GLN B 876 -21.90 -3.88 -5.29
C GLN B 876 -21.78 -2.52 -5.98
N ALA B 877 -21.16 -2.49 -7.16
CA ALA B 877 -21.05 -1.25 -7.91
C ALA B 877 -22.43 -0.71 -8.25
N VAL B 878 -23.35 -1.58 -8.66
CA VAL B 878 -24.73 -1.13 -8.88
C VAL B 878 -25.38 -0.92 -7.52
N THR B 879 -26.42 -0.10 -7.44
CA THR B 879 -27.16 0.20 -6.18
C THR B 879 -26.43 1.16 -5.26
N ARG B 880 -25.28 1.67 -5.68
CA ARG B 880 -24.56 2.65 -4.89
C ARG B 880 -25.38 3.92 -4.80
N ARG B 881 -26.00 4.31 -5.90
CA ARG B 881 -26.76 5.56 -5.93
C ARG B 881 -28.24 5.33 -5.71
N PHE B 882 -28.64 4.11 -5.41
CA PHE B 882 -30.08 3.85 -5.33
C PHE B 882 -30.68 4.28 -4.01
N SER B 883 -31.51 5.31 -4.04
CA SER B 883 -32.14 5.81 -2.82
C SER B 883 -33.66 5.85 -2.85
N THR B 884 -34.27 5.36 -3.92
CA THR B 884 -35.73 5.48 -4.05
C THR B 884 -36.49 4.17 -4.03
N GLU B 885 -37.77 4.22 -3.67
CA GLU B 885 -38.59 3.01 -3.62
C GLU B 885 -38.72 2.35 -4.97
N PHE B 886 -38.87 3.16 -6.02
CA PHE B 886 -39.00 2.61 -7.36
C PHE B 886 -37.77 1.83 -7.76
N GLU B 887 -36.59 2.35 -7.43
CA GLU B 887 -35.35 1.66 -7.75
C GLU B 887 -35.28 0.32 -7.06
N LEU B 888 -35.74 0.26 -5.81
CA LEU B 888 -35.74 -0.98 -5.08
C LEU B 888 -36.62 -2.02 -5.78
N GLN B 889 -37.76 -1.59 -6.31
CA GLN B 889 -38.67 -2.53 -6.96
C GLN B 889 -38.02 -3.20 -8.17
N GLN B 890 -37.25 -2.44 -8.94
CA GLN B 890 -36.55 -3.04 -10.09
C GLN B 890 -35.57 -4.12 -9.66
N LEU B 891 -34.86 -3.88 -8.56
CA LEU B 891 -33.90 -4.86 -8.09
C LEU B 891 -34.58 -6.17 -7.73
N GLU B 892 -35.73 -6.07 -7.07
CA GLU B 892 -36.45 -7.26 -6.67
C GLU B 892 -36.87 -8.07 -7.88
N GLN B 893 -37.32 -7.38 -8.92
CA GLN B 893 -37.75 -8.07 -10.13
C GLN B 893 -36.61 -8.82 -10.78
N PHE B 894 -35.43 -8.19 -10.85
CA PHE B 894 -34.29 -8.83 -11.51
C PHE B 894 -33.94 -10.08 -10.73
N LYS B 895 -33.99 -9.99 -9.41
CA LYS B 895 -33.62 -11.13 -8.62
C LYS B 895 -34.54 -12.31 -8.89
N ALA B 896 -35.84 -12.08 -8.97
CA ALA B 896 -36.77 -13.15 -9.29
C ALA B 896 -36.58 -13.72 -10.69
N ASN B 897 -36.39 -12.85 -11.67
CA ASN B 897 -36.24 -13.30 -13.05
C ASN B 897 -35.00 -14.13 -13.30
N ASN B 898 -33.88 -13.74 -12.70
CA ASN B 898 -32.64 -14.44 -12.96
C ASN B 898 -32.31 -15.44 -11.87
N MET B 899 -33.26 -15.71 -10.99
CA MET B 899 -33.04 -16.66 -9.91
C MET B 899 -32.73 -18.03 -10.46
N ASP B 900 -33.46 -18.43 -11.50
CA ASP B 900 -33.24 -19.74 -12.10
C ASP B 900 -31.85 -19.85 -12.70
N THR B 901 -31.40 -18.81 -13.38
CA THR B 901 -30.05 -18.82 -13.94
C THR B 901 -29.00 -18.87 -12.85
N GLY B 902 -29.21 -18.13 -11.77
CA GLY B 902 -28.25 -18.08 -10.69
C GLY B 902 -27.30 -16.91 -10.86
N PHE B 903 -26.78 -16.41 -9.75
CA PHE B 903 -25.88 -15.28 -9.80
C PHE B 903 -24.45 -15.65 -9.42
N GLY B 904 -24.18 -16.95 -9.25
CA GLY B 904 -22.83 -17.39 -8.92
C GLY B 904 -22.26 -16.78 -7.66
N SER B 905 -21.07 -16.20 -7.75
CA SER B 905 -20.46 -15.54 -6.59
C SER B 905 -21.26 -14.34 -6.12
N GLY B 906 -21.95 -13.67 -7.04
CA GLY B 906 -22.71 -12.48 -6.71
C GLY B 906 -23.94 -12.66 -5.84
N THR B 907 -24.35 -13.88 -5.56
CA THR B 907 -25.59 -14.10 -4.82
C THR B 907 -25.64 -13.45 -3.45
N ARG B 908 -24.59 -13.60 -2.66
CA ARG B 908 -24.54 -12.93 -1.36
C ARG B 908 -24.53 -11.42 -1.51
N ALA B 909 -23.79 -10.93 -2.50
CA ALA B 909 -23.72 -9.50 -2.75
C ALA B 909 -25.08 -8.93 -3.11
N LEU B 910 -25.90 -9.68 -3.83
CA LEU B 910 -27.22 -9.21 -4.19
C LEU B 910 -28.06 -8.94 -2.95
N GLU B 911 -27.99 -9.84 -1.97
CA GLU B 911 -28.73 -9.58 -0.74
C GLU B 911 -28.20 -8.32 -0.07
N GLN B 912 -26.88 -8.18 -0.05
CA GLN B 912 -26.28 -7.00 0.55
C GLN B 912 -26.64 -5.70 -0.16
N ALA B 913 -26.65 -5.72 -1.49
CA ALA B 913 -26.98 -4.52 -2.25
C ALA B 913 -28.41 -4.09 -1.99
N LEU B 914 -29.31 -5.06 -1.90
CA LEU B 914 -30.71 -4.73 -1.63
C LEU B 914 -30.83 -4.10 -0.26
N GLU B 915 -30.11 -4.62 0.72
CA GLU B 915 -30.17 -4.06 2.07
C GLU B 915 -29.66 -2.63 2.09
N LYS B 916 -28.59 -2.35 1.36
CA LYS B 916 -28.05 -1.01 1.32
C LYS B 916 -29.06 -0.04 0.71
N THR B 917 -29.72 -0.45 -0.36
CA THR B 917 -30.73 0.41 -0.98
C THR B 917 -31.86 0.66 -0.01
N LYS B 918 -32.28 -0.39 0.69
CA LYS B 918 -33.40 -0.26 1.62
C LYS B 918 -33.05 0.74 2.68
N ALA B 919 -31.81 0.69 3.17
CA ALA B 919 -31.36 1.60 4.21
C ALA B 919 -31.38 3.07 3.79
N ASN B 920 -30.99 3.36 2.55
CA ASN B 920 -31.08 4.74 2.09
C ASN B 920 -32.52 5.24 2.07
N ILE B 921 -33.45 4.44 1.56
CA ILE B 921 -34.87 4.83 1.60
C ILE B 921 -35.37 4.87 3.03
N LYS B 922 -34.89 3.94 3.86
CA LYS B 922 -35.29 3.90 5.26
C LYS B 922 -34.86 5.15 5.95
N TRP B 923 -33.70 5.67 5.55
CA TRP B 923 -33.25 6.89 6.13
C TRP B 923 -34.31 7.92 5.83
N VAL B 924 -34.81 7.96 4.60
CA VAL B 924 -35.81 9.00 4.24
C VAL B 924 -37.04 8.84 5.10
N LYS B 925 -37.44 7.60 5.35
CA LYS B 925 -38.59 7.35 6.20
C LYS B 925 -38.41 7.87 7.62
N GLU B 926 -37.22 7.69 8.22
CA GLU B 926 -37.01 8.24 9.56
C GLU B 926 -36.29 9.58 9.67
N ASN B 927 -35.10 9.71 9.08
CA ASN B 927 -34.33 10.95 9.22
C ASN B 927 -33.93 11.70 7.96
N LYS B 928 -33.75 11.01 6.85
CA LYS B 928 -33.29 11.67 5.61
C LYS B 928 -34.28 12.64 5.03
N GLU B 929 -35.57 12.44 5.23
CA GLU B 929 -36.48 13.46 4.74
C GLU B 929 -36.12 14.77 5.47
N ALA B 930 -35.88 14.70 6.78
CA ALA B 930 -35.45 15.88 7.52
C ALA B 930 -34.07 16.30 7.05
N VAL B 931 -33.19 15.33 6.80
CA VAL B 931 -31.83 15.64 6.39
C VAL B 931 -31.86 16.37 5.06
N LEU B 932 -32.73 15.95 4.15
CA LEU B 932 -32.82 16.61 2.87
C LEU B 932 -33.26 18.07 3.02
N GLN B 933 -34.28 18.31 3.85
CA GLN B 933 -34.69 19.67 4.09
C GLN B 933 -33.62 20.48 4.80
N TRP B 934 -33.04 19.90 5.84
CA TRP B 934 -32.04 20.63 6.60
C TRP B 934 -30.81 20.90 5.77
N PHE B 935 -30.37 19.93 5.00
CA PHE B 935 -29.15 20.12 4.24
C PHE B 935 -29.39 21.26 3.28
N ARG B 936 -30.58 21.33 2.70
CA ARG B 936 -30.89 22.44 1.82
C ARG B 936 -30.84 23.76 2.56
N GLU B 937 -31.43 23.81 3.74
CA GLU B 937 -31.43 25.04 4.52
C GLU B 937 -30.04 25.46 4.95
N ASN B 938 -29.24 24.50 5.41
CA ASN B 938 -27.90 24.80 5.86
C ASN B 938 -27.08 25.29 4.69
N SER B 939 -27.22 24.61 3.55
CA SER B 939 -26.48 25.01 2.37
C SER B 939 -26.92 26.38 1.89
N GLN B 940 -28.21 26.66 1.94
CA GLN B 940 -28.69 27.98 1.56
C GLN B 940 -28.15 29.07 2.47
N GLY B 941 -28.13 28.82 3.77
CA GLY B 941 -27.59 29.79 4.69
C GLY B 941 -26.11 30.00 4.44
N GLY B 942 -25.38 28.91 4.23
CA GLY B 942 -23.97 29.02 3.89
C GLY B 942 -23.76 29.12 2.41
N SER B 943 -24.15 30.23 1.80
CA SER B 943 -23.96 30.42 0.37
C SER B 943 -23.69 31.87 0.04
C1 NAG C . 20.18 21.84 -13.25
C2 NAG C . 19.14 21.16 -14.14
C3 NAG C . 18.38 20.16 -13.29
C4 NAG C . 19.34 19.18 -12.63
C5 NAG C . 20.37 19.97 -11.81
C6 NAG C . 21.41 19.13 -11.10
C7 NAG C . 18.34 22.58 -15.94
C8 NAG C . 17.74 23.94 -16.20
N2 NAG C . 18.22 22.13 -14.70
O3 NAG C . 17.44 19.45 -14.11
O4 NAG C . 18.58 18.31 -11.78
O5 NAG C . 21.05 20.90 -12.65
O6 NAG C . 22.09 19.94 -10.14
O7 NAG C . 18.88 21.95 -16.82
C1 NAG C . 18.81 16.93 -12.12
C2 NAG C . 18.36 16.01 -11.00
C3 NAG C . 18.75 14.59 -11.36
C4 NAG C . 18.08 14.23 -12.68
C5 NAG C . 18.55 15.23 -13.74
C6 NAG C . 17.93 14.97 -15.10
C7 NAG C . 18.39 17.00 -8.78
C8 NAG C . 19.23 17.88 -7.91
N2 NAG C . 19.02 16.37 -9.76
O3 NAG C . 18.35 13.73 -10.29
O4 NAG C . 18.40 12.89 -13.09
O5 NAG C . 18.18 16.55 -13.35
O6 NAG C . 16.54 14.79 -14.88
O7 NAG C . 17.18 16.87 -8.61
C1 BMA C . 17.26 12.03 -12.87
C2 BMA C . 16.80 11.39 -14.17
C3 BMA C . 15.54 10.57 -13.90
C4 BMA C . 15.84 9.57 -12.80
C5 BMA C . 16.34 10.28 -11.55
C6 BMA C . 16.71 9.28 -10.45
O2 BMA C . 17.82 10.56 -14.70
O3 BMA C . 15.13 9.89 -15.09
O4 BMA C . 14.65 8.83 -12.49
O5 BMA C . 17.50 11.04 -11.87
O6 BMA C . 17.26 10.00 -9.34
C1 NAG D . 15.39 -7.11 32.08
C2 NAG D . 14.61 -8.05 32.99
C3 NAG D . 15.03 -9.50 32.74
C4 NAG D . 15.08 -9.85 31.25
C5 NAG D . 15.52 -8.69 30.34
C6 NAG D . 15.08 -8.87 28.89
C7 NAG D . 13.74 -7.26 35.10
C8 NAG D . 14.09 -6.57 36.39
N2 NAG D . 14.77 -7.71 34.39
O3 NAG D . 14.09 -10.33 33.42
O4 NAG D . 15.98 -10.95 31.05
O5 NAG D . 14.98 -7.46 30.76
O6 NAG D . 13.93 -9.71 28.80
O7 NAG D . 12.59 -7.42 34.74
C1 NAG D . 15.23 -12.17 30.89
C2 NAG D . 15.88 -13.11 29.90
C3 NAG D . 14.96 -14.32 29.69
C4 NAG D . 14.56 -14.93 31.03
C5 NAG D . 14.08 -13.86 32.00
C6 NAG D . 13.74 -14.40 33.37
C7 NAG D . 17.39 -12.11 28.30
C8 NAG D . 18.17 -13.11 27.50
N2 NAG D . 16.15 -12.45 28.64
O3 NAG D . 15.62 -15.30 28.89
O4 NAG D . 13.53 -15.90 30.83
O5 NAG D . 15.08 -12.86 32.13
O6 NAG D . 13.07 -13.38 34.11
O7 NAG D . 17.88 -11.04 28.61
C1 NAG E . 1.78 14.31 16.75
C2 NAG E . 2.91 14.56 17.74
C3 NAG E . 3.88 15.64 17.27
C4 NAG E . 4.24 15.48 15.79
C5 NAG E . 2.93 15.38 15.00
C6 NAG E . 3.12 15.34 13.49
C7 NAG E . 2.32 14.13 20.05
C8 NAG E . 1.26 14.42 21.06
N2 NAG E . 2.37 14.96 19.01
O3 NAG E . 5.03 15.57 18.10
O4 NAG E . 5.02 16.59 15.33
O5 NAG E . 2.28 14.19 15.42
O6 NAG E . 4.04 14.31 13.15
O7 NAG E . 3.10 13.19 20.16
C1 NAG E . 6.39 16.19 15.12
C2 NAG E . 7.02 17.04 14.02
C3 NAG E . 8.51 16.74 13.86
C4 NAG E . 9.23 16.65 15.19
C5 NAG E . 8.45 15.76 16.15
C6 NAG E . 9.12 15.68 17.51
C7 NAG E . 5.63 17.73 12.17
C8 NAG E . 5.44 17.56 10.69
N2 NAG E . 6.35 16.78 12.77
O3 NAG E . 9.11 17.78 13.08
O4 NAG E . 10.53 16.11 15.00
O5 NAG E . 7.16 16.32 16.31
O6 NAG E . 8.11 15.58 18.53
O7 NAG E . 5.17 18.68 12.78
C1 NAG F . -1.71 31.74 -12.07
C2 NAG F . -0.90 32.99 -12.42
C3 NAG F . -1.66 34.28 -12.14
C4 NAG F . -3.12 34.17 -12.57
C5 NAG F . -3.73 32.88 -12.04
C6 NAG F . -5.19 32.67 -12.42
C7 NAG F . 1.51 32.76 -12.40
C8 NAG F . 2.59 32.08 -11.61
N2 NAG F . 0.38 33.00 -11.74
O3 NAG F . -1.00 35.33 -12.86
O4 NAG F . -3.82 35.32 -12.07
O5 NAG F . -3.01 31.82 -12.63
O6 NAG F . -5.24 32.67 -13.86
O7 NAG F . 1.65 33.08 -13.56
C1 NAG F . -4.33 36.10 -13.16
C2 NAG F . -5.41 37.05 -12.67
C3 NAG F . -6.00 37.83 -13.83
C4 NAG F . -4.91 38.38 -14.77
C5 NAG F . -3.87 37.32 -15.08
C6 NAG F . -2.72 37.84 -15.93
C7 NAG F . -6.64 36.32 -10.71
C8 NAG F . -7.37 35.13 -10.15
N2 NAG F . -6.46 36.30 -12.03
O3 NAG F . -6.78 38.90 -13.27
O4 NAG F . -5.53 38.80 -16.00
O5 NAG F . -3.34 36.82 -13.86
O6 NAG F . -2.15 38.98 -15.28
O7 NAG F . -6.23 37.23 -10.01
C1 BMA F . -5.56 40.25 -16.03
C2 BMA F . -5.21 40.75 -17.43
C3 BMA F . -5.27 42.27 -17.48
C4 BMA F . -6.52 42.82 -16.82
C5 BMA F . -6.76 42.17 -15.46
C6 BMA F . -8.07 42.66 -14.83
O2 BMA F . -6.14 40.20 -18.38
O3 BMA F . -5.23 42.69 -18.85
O4 BMA F . -6.37 44.24 -16.63
O5 BMA F . -6.83 40.77 -15.64
O6 BMA F . -7.77 43.66 -13.86
C1 FUC F . -6.57 32.33 -14.29
C2 FUC F . -7.20 33.53 -14.99
C3 FUC F . -6.21 34.00 -16.04
C4 FUC F . -6.07 32.90 -17.09
C5 FUC F . -5.84 31.52 -16.45
C6 FUC F . -6.24 30.46 -17.47
O2 FUC F . -7.52 34.57 -14.07
O3 FUC F . -6.67 35.21 -16.63
O4 FUC F . -7.26 32.86 -17.89
O5 FUC F . -6.58 31.27 -15.25
C1 NAG G . -23.60 24.98 14.20
C2 NAG G . -24.37 24.69 15.48
C3 NAG G . -25.55 25.64 15.60
C4 NAG G . -25.09 27.08 15.44
C5 NAG G . -24.38 27.20 14.10
C6 NAG G . -23.87 28.60 13.79
C7 NAG G . -24.85 22.59 16.60
C8 NAG G . -25.81 21.44 16.59
N2 NAG G . -24.79 23.31 15.49
O3 NAG G . -26.21 25.45 16.86
O4 NAG G . -26.20 27.99 15.50
O5 NAG G . -23.25 26.35 14.16
O6 NAG G . -22.62 28.51 13.09
O7 NAG G . -24.16 22.84 17.58
C1 NAG G . -26.09 28.81 16.68
C2 NAG G . -26.81 30.14 16.45
C3 NAG G . -26.70 31.02 17.68
C4 NAG G . -27.06 30.25 18.95
C5 NAG G . -26.34 28.91 19.01
C6 NAG G . -26.78 28.09 20.21
C7 NAG G . -26.95 31.00 14.20
C8 NAG G . -26.45 32.08 13.28
N2 NAG G . -26.25 30.83 15.32
O3 NAG G . -27.57 32.14 17.54
O4 NAG G . -26.73 31.02 20.09
O5 NAG G . -26.62 28.18 17.83
O6 NAG G . -27.16 26.79 19.75
O7 NAG G . -27.92 30.32 13.93
C1 NAG H . 16.02 19.27 -28.61
C2 NAG H . 15.73 17.78 -28.55
C3 NAG H . 17.01 16.98 -28.76
C4 NAG H . 17.82 17.51 -29.93
C5 NAG H . 17.92 19.03 -29.92
C6 NAG H . 18.61 19.53 -31.18
C7 NAG H . 13.90 16.94 -27.23
C8 NAG H . 13.77 15.60 -26.56
N2 NAG H . 15.13 17.43 -27.28
O3 NAG H . 16.67 15.60 -28.99
O4 NAG H . 19.15 16.95 -29.87
O5 NAG H . 16.62 19.58 -29.85
O6 NAG H . 17.85 19.12 -32.32
O7 NAG H . 12.94 17.53 -27.68
#